data_9IJS
#
_entry.id   9IJS
#
_cell.length_a   1.00
_cell.length_b   1.00
_cell.length_c   1.00
_cell.angle_alpha   90.00
_cell.angle_beta   90.00
_cell.angle_gamma   90.00
#
_symmetry.space_group_name_H-M   'P 1'
#
loop_
_entity.id
_entity.type
_entity.pdbx_description
1 polymer 'G-protein coupled receptor 52'
2 polymer Beta-arrestin-1
3 polymer 'scFv30 antibody'
#
loop_
_entity_poly.entity_id
_entity_poly.type
_entity_poly.pdbx_seq_one_letter_code
_entity_poly.pdbx_strand_id
1 'polypeptide(L)'
;MNESRWTEWRILNMSSGIVNVSERHSCPLGFGHYSVVDVCIFETVVIVLLTFLIIAGNLTVIFVFHCAPLLHHYTTSYFI
QTMAYADLFVGVSCLVPTLSLLHYSTGVHESLTCQVFGYIISVLKSVSMWCLACISVDRYLAITKPLSYNQLVTPCRLRI
CIILIWIYSCLIFLPSFFGWGKPGYHGDIFEWCATSWLTSAYFTGFIVCLLYAPAAFVVCFTYFHIFKICRQHTKEINDR
RARFPSHEVDSSRETGHSPDRRYAMVLFRITSVFYMLWLPYIIYFLLESSRVLDNPTLSFLTTWLAISNSFCNPVIYSLS
NSVFRLGLRRLSETMCTSCMARGRPLPETGGGDE(SEP)A(TPO)(TPO)A(SEP)(SEP)(SEP)LAKDTSS
;
A
2 'polypeptide(L)'
;MGSPEFPGRLGDKGTRVFKKASPNGKLTVYLGKRDFVDHIDLVDPVDGVVLVDPEYLKERRVYVTLTVAFRYGREDLDVL
GLTFRKDLFVANVQSFPPAPEDKKPLTRLQERLIKKLGEHAYPFTFEIPPNLPSSVTLQPGPEDTGKALGVDYEVKAFVA
ENLEEKIHKRNSVRLVIRKVQYAPERPGPQPTAETTRQFLMSDKPLHLEASLDKEIYYHGEPISVNVHVTNNTNKTVKKI
KISVRQYADIVLFNTAQYKVPVAMEEADDTVAPSSTFSKVYTLTPFLANNREKRGLALDGKLKHEDTNLASSTLLREGAN
REILGIIVSYKVKVKLVVSRGGLLGDLASSDVAVELPFTLMHPKPKEEPPHREVPESETPVDTNLIELDTNDDDIVFEDF
AR
;
C
3 'polypeptide(L)'
;MVSAIVLYVLLAAAAHSAFADVQLVESGGGLVQPGGSLRLSCAASGFNVYSSSIHWVRQAPGKGLEWVASISSYYGYTYY
ADSVKGRFTISADTSKNTAYLQMNSLRAEDTAVYYCARSRQFWYSGLDYWGQGTLVTVSSSGGGGSGGGGSGGGGSDIQM
TQSPSSLSASVGDRVTITCRASQSVSSAVAWYQQKPGKAPKLLIYSASSLYSGVPSRFSGSRSGTDFTLTISSLQPEDFA
TYYCQQYKYVPVTFGQGTKVEIKAAA
;
H
#
# COMPACT_ATOMS: atom_id res chain seq x y z
N PHE A 42 8.94 -52.13 16.01
CA PHE A 42 8.14 -51.76 14.85
C PHE A 42 7.48 -50.40 15.06
N GLU A 43 7.54 -49.90 16.29
CA GLU A 43 6.99 -48.58 16.60
C GLU A 43 7.76 -47.47 15.90
N THR A 44 9.00 -47.72 15.50
CA THR A 44 9.79 -46.71 14.80
C THR A 44 9.13 -46.30 13.49
N VAL A 45 8.35 -47.20 12.88
CA VAL A 45 7.56 -46.83 11.70
C VAL A 45 6.55 -45.76 12.07
N VAL A 46 5.87 -45.93 13.20
CA VAL A 46 4.91 -44.94 13.67
C VAL A 46 5.62 -43.61 13.94
N ILE A 47 6.79 -43.67 14.56
CA ILE A 47 7.48 -42.41 14.87
C ILE A 47 7.98 -41.72 13.59
N VAL A 48 8.41 -42.46 12.57
CA VAL A 48 8.84 -41.76 11.37
C VAL A 48 7.64 -41.22 10.60
N LEU A 49 6.50 -41.90 10.68
CA LEU A 49 5.28 -41.32 10.13
C LEU A 49 4.92 -40.02 10.85
N LEU A 50 5.09 -39.98 12.17
CA LEU A 50 4.86 -38.76 12.93
C LEU A 50 5.82 -37.66 12.49
N THR A 51 7.09 -38.00 12.30
CA THR A 51 8.06 -37.00 11.83
C THR A 51 7.68 -36.46 10.46
N PHE A 52 7.25 -37.34 9.55
CA PHE A 52 6.85 -36.89 8.22
C PHE A 52 5.63 -35.97 8.29
N LEU A 53 4.64 -36.33 9.10
CA LEU A 53 3.46 -35.48 9.25
C LEU A 53 3.84 -34.12 9.83
N ILE A 54 4.70 -34.10 10.85
CA ILE A 54 5.08 -32.85 11.50
C ILE A 54 5.84 -31.96 10.53
N ILE A 55 6.80 -32.54 9.81
CA ILE A 55 7.62 -31.72 8.91
C ILE A 55 6.78 -31.20 7.76
N ALA A 56 5.86 -32.02 7.23
CA ALA A 56 5.00 -31.57 6.16
C ALA A 56 4.10 -30.43 6.62
N GLY A 57 3.52 -30.56 7.81
CA GLY A 57 2.69 -29.49 8.33
C GLY A 57 3.45 -28.20 8.56
N ASN A 58 4.68 -28.32 9.06
CA ASN A 58 5.45 -27.12 9.36
C ASN A 58 5.82 -26.36 8.09
N LEU A 59 6.34 -27.06 7.07
CA LEU A 59 6.57 -26.37 5.80
C LEU A 59 5.28 -25.89 5.18
N THR A 60 4.16 -26.60 5.37
CA THR A 60 2.89 -26.13 4.83
C THR A 60 2.50 -24.78 5.42
N VAL A 61 2.57 -24.67 6.75
CA VAL A 61 2.14 -23.43 7.40
C VAL A 61 3.12 -22.29 7.10
N ILE A 62 4.43 -22.56 7.14
CA ILE A 62 5.37 -21.47 6.91
C ILE A 62 5.32 -21.02 5.45
N PHE A 63 5.06 -21.95 4.52
CA PHE A 63 4.94 -21.55 3.11
C PHE A 63 3.63 -20.82 2.85
N VAL A 64 2.55 -21.21 3.53
CA VAL A 64 1.30 -20.46 3.42
C VAL A 64 1.49 -19.04 3.91
N PHE A 65 2.21 -18.88 5.02
CA PHE A 65 2.42 -17.53 5.56
C PHE A 65 3.34 -16.72 4.65
N HIS A 66 4.40 -17.34 4.12
CA HIS A 66 5.36 -16.57 3.34
C HIS A 66 4.87 -16.25 1.94
N CYS A 67 4.12 -17.16 1.31
CA CYS A 67 3.64 -16.94 -0.05
C CYS A 67 2.49 -15.95 -0.10
N ALA A 68 1.79 -15.74 1.01
CA ALA A 68 0.71 -14.77 1.10
C ALA A 68 0.93 -13.91 2.34
N PRO A 69 1.91 -13.01 2.32
CA PRO A 69 2.26 -12.26 3.53
C PRO A 69 1.19 -11.26 3.94
N LEU A 70 0.03 -11.76 4.33
CA LEU A 70 -1.03 -10.89 4.83
C LEU A 70 -0.78 -10.48 6.28
N LEU A 71 0.07 -11.21 7.01
CA LEU A 71 0.35 -10.95 8.41
C LEU A 71 -0.91 -10.94 9.26
N HIS A 72 -1.65 -12.06 9.25
CA HIS A 72 -3.03 -12.10 9.73
C HIS A 72 -3.17 -11.66 11.18
N HIS A 73 -3.75 -10.47 11.37
CA HIS A 73 -3.95 -9.82 12.67
C HIS A 73 -2.64 -9.89 13.46
N TYR A 74 -1.66 -9.15 12.93
CA TYR A 74 -0.21 -9.31 13.14
C TYR A 74 0.22 -9.79 14.53
N THR A 75 -0.39 -9.25 15.58
CA THR A 75 0.00 -9.60 16.96
C THR A 75 -0.06 -11.10 17.19
N THR A 76 -1.19 -11.72 16.87
CA THR A 76 -1.22 -13.18 16.84
C THR A 76 -0.93 -13.71 15.44
N SER A 77 0.13 -13.18 14.84
CA SER A 77 0.67 -13.74 13.62
C SER A 77 2.16 -13.96 13.81
N TYR A 78 2.82 -13.04 14.51
CA TYR A 78 4.20 -13.30 14.92
C TYR A 78 4.29 -14.55 15.80
N PHE A 79 3.33 -14.70 16.72
CA PHE A 79 3.32 -15.86 17.59
C PHE A 79 3.07 -17.14 16.81
N ILE A 80 2.18 -17.11 15.83
CA ILE A 80 1.94 -18.30 15.03
C ILE A 80 3.16 -18.63 14.18
N GLN A 81 3.83 -17.60 13.64
CA GLN A 81 5.03 -17.83 12.86
C GLN A 81 6.14 -18.45 13.71
N THR A 82 6.33 -17.96 14.94
CA THR A 82 7.39 -18.52 15.77
C THR A 82 7.01 -19.90 16.30
N MET A 83 5.71 -20.16 16.51
CA MET A 83 5.29 -21.51 16.84
C MET A 83 5.57 -22.46 15.70
N ALA A 84 5.31 -22.04 14.46
CA ALA A 84 5.61 -22.88 13.31
C ALA A 84 7.12 -23.09 13.16
N TYR A 85 7.92 -22.07 13.43
CA TYR A 85 9.37 -22.24 13.38
C TYR A 85 9.86 -23.23 14.42
N ALA A 86 9.39 -23.09 15.66
CA ALA A 86 9.79 -24.02 16.71
C ALA A 86 9.30 -25.43 16.41
N ASP A 87 8.13 -25.57 15.81
CA ASP A 87 7.62 -26.89 15.47
C ASP A 87 8.42 -27.51 14.32
N LEU A 88 8.84 -26.68 13.37
CA LEU A 88 9.75 -27.15 12.32
C LEU A 88 11.06 -27.63 12.90
N PHE A 89 11.58 -26.90 13.89
CA PHE A 89 12.80 -27.34 14.56
C PHE A 89 12.56 -28.64 15.33
N VAL A 90 11.37 -28.81 15.90
CA VAL A 90 11.01 -30.09 16.51
C VAL A 90 11.09 -31.20 15.48
N GLY A 91 10.50 -30.97 14.31
CA GLY A 91 10.52 -31.98 13.27
C GLY A 91 11.92 -32.34 12.82
N VAL A 92 12.76 -31.32 12.62
CA VAL A 92 14.13 -31.55 12.16
C VAL A 92 14.93 -32.29 13.23
N SER A 93 14.88 -31.82 14.47
CA SER A 93 15.68 -32.37 15.56
C SER A 93 15.06 -33.62 16.18
N CYS A 94 13.91 -34.06 15.68
CA CYS A 94 13.41 -35.39 16.01
C CYS A 94 13.57 -36.37 14.85
N LEU A 95 13.62 -35.88 13.62
CA LEU A 95 13.91 -36.77 12.49
C LEU A 95 15.39 -37.13 12.44
N VAL A 96 16.28 -36.17 12.72
CA VAL A 96 17.71 -36.43 12.60
C VAL A 96 18.20 -37.51 13.56
N PRO A 97 17.94 -37.43 14.88
CA PRO A 97 18.49 -38.47 15.77
C PRO A 97 17.84 -39.82 15.60
N THR A 98 16.53 -39.86 15.34
CA THR A 98 15.87 -41.14 15.15
C THR A 98 16.36 -41.83 13.88
N LEU A 99 16.53 -41.07 12.79
CA LEU A 99 17.10 -41.63 11.58
C LEU A 99 18.54 -42.08 11.80
N SER A 100 19.31 -41.30 12.57
CA SER A 100 20.68 -41.69 12.88
C SER A 100 20.73 -43.00 13.65
N LEU A 101 19.81 -43.18 14.61
CA LEU A 101 19.78 -44.43 15.37
C LEU A 101 19.34 -45.60 14.49
N LEU A 102 18.32 -45.41 13.66
CA LEU A 102 17.78 -46.54 12.91
C LEU A 102 18.70 -46.96 11.77
N HIS A 103 19.30 -45.99 11.07
CA HIS A 103 20.13 -46.32 9.91
C HIS A 103 21.43 -47.01 10.32
N TYR A 104 22.05 -46.54 11.41
CA TYR A 104 23.33 -47.09 11.82
C TYR A 104 23.42 -47.10 13.34
N SER A 105 24.31 -47.95 13.85
CA SER A 105 24.59 -48.02 15.29
C SER A 105 26.03 -47.59 15.51
N THR A 106 26.22 -46.60 16.40
CA THR A 106 27.57 -46.14 16.71
C THR A 106 28.35 -47.18 17.49
N GLY A 107 27.68 -47.90 18.39
CA GLY A 107 28.32 -48.89 19.22
C GLY A 107 29.01 -48.36 20.46
N VAL A 108 28.98 -47.05 20.69
CA VAL A 108 29.61 -46.43 21.84
C VAL A 108 28.52 -45.77 22.69
N HIS A 109 28.94 -45.28 23.86
CA HIS A 109 28.03 -44.63 24.79
C HIS A 109 27.73 -43.23 24.28
N GLU A 110 26.77 -43.16 23.36
CA GLU A 110 26.37 -41.89 22.76
C GLU A 110 25.33 -41.19 23.63
N SER A 111 25.77 -40.79 24.83
CA SER A 111 24.91 -40.06 25.74
C SER A 111 24.75 -38.60 25.35
N LEU A 112 25.78 -38.01 24.73
CA LEU A 112 25.73 -36.58 24.42
C LEU A 112 24.64 -36.26 23.41
N THR A 113 24.51 -37.07 22.36
CA THR A 113 23.47 -36.82 21.36
C THR A 113 22.08 -36.97 21.95
N CYS A 114 21.87 -38.00 22.78
CA CYS A 114 20.58 -38.17 23.43
C CYS A 114 20.26 -37.00 24.34
N GLN A 115 21.26 -36.54 25.11
CA GLN A 115 21.03 -35.42 26.03
C GLN A 115 20.68 -34.15 25.28
N VAL A 116 21.43 -33.85 24.20
CA VAL A 116 21.16 -32.61 23.48
C VAL A 116 19.82 -32.70 22.75
N PHE A 117 19.48 -33.88 22.22
CA PHE A 117 18.18 -34.04 21.58
C PHE A 117 17.05 -33.83 22.56
N GLY A 118 17.12 -34.45 23.73
CA GLY A 118 16.07 -34.29 24.72
C GLY A 118 15.95 -32.86 25.20
N TYR A 119 17.09 -32.20 25.46
CA TYR A 119 17.07 -30.82 25.90
C TYR A 119 16.45 -29.90 24.86
N ILE A 120 16.89 -30.01 23.61
CA ILE A 120 16.42 -29.08 22.59
C ILE A 120 14.96 -29.34 22.26
N ILE A 121 14.53 -30.61 22.26
CA ILE A 121 13.14 -30.88 21.94
C ILE A 121 12.23 -30.46 23.10
N SER A 122 12.71 -30.57 24.34
CA SER A 122 11.93 -30.06 25.47
C SER A 122 11.85 -28.54 25.44
N VAL A 123 12.93 -27.88 25.05
CA VAL A 123 12.91 -26.42 24.91
C VAL A 123 11.90 -25.99 23.86
N LEU A 124 11.88 -26.68 22.72
CA LEU A 124 10.95 -26.32 21.67
C LEU A 124 9.50 -26.61 22.06
N LYS A 125 9.25 -27.73 22.74
CA LYS A 125 7.91 -27.99 23.25
C LYS A 125 7.48 -26.92 24.26
N SER A 126 8.41 -26.52 25.13
CA SER A 126 8.13 -25.49 26.12
C SER A 126 7.80 -24.16 25.45
N VAL A 127 8.57 -23.77 24.43
CA VAL A 127 8.30 -22.49 23.79
C VAL A 127 6.99 -22.56 23.02
N SER A 128 6.63 -23.72 22.49
CA SER A 128 5.31 -23.88 21.87
C SER A 128 4.19 -23.63 22.87
N MET A 129 4.26 -24.30 24.02
CA MET A 129 3.17 -24.18 24.99
C MET A 129 3.10 -22.76 25.57
N TRP A 130 4.25 -22.19 25.92
CA TRP A 130 4.25 -20.85 26.49
C TRP A 130 3.89 -19.80 25.46
N CYS A 131 4.14 -20.06 24.17
CA CYS A 131 3.71 -19.11 23.14
C CYS A 131 2.22 -19.19 22.90
N LEU A 132 1.62 -20.38 23.03
CA LEU A 132 0.16 -20.45 23.03
C LEU A 132 -0.42 -19.68 24.21
N ALA A 133 0.16 -19.84 25.39
CA ALA A 133 -0.31 -19.11 26.55
C ALA A 133 -0.15 -17.60 26.36
N CYS A 134 0.93 -17.18 25.71
CA CYS A 134 1.12 -15.76 25.47
C CYS A 134 0.16 -15.24 24.40
N ILE A 135 -0.21 -16.08 23.43
CA ILE A 135 -1.28 -15.72 22.50
C ILE A 135 -2.55 -15.43 23.29
N SER A 136 -2.88 -16.30 24.24
CA SER A 136 -4.09 -16.10 25.03
C SER A 136 -4.01 -14.83 25.87
N VAL A 137 -2.86 -14.57 26.49
CA VAL A 137 -2.75 -13.39 27.34
C VAL A 137 -2.70 -12.12 26.51
N ASP A 138 -2.27 -12.20 25.25
CA ASP A 138 -2.37 -11.05 24.37
C ASP A 138 -3.82 -10.81 23.94
N ARG A 139 -4.56 -11.90 23.72
CA ARG A 139 -5.98 -11.77 23.44
C ARG A 139 -6.75 -11.19 24.62
N TYR A 140 -6.30 -11.43 25.85
CA TYR A 140 -6.98 -10.81 26.98
C TYR A 140 -6.85 -9.29 26.95
N LEU A 141 -5.88 -8.76 26.20
CA LEU A 141 -5.76 -7.32 25.98
C LEU A 141 -6.54 -6.84 24.77
N ALA A 142 -7.26 -7.74 24.08
CA ALA A 142 -8.08 -7.36 22.94
C ALA A 142 -9.54 -7.13 23.30
N ILE A 143 -10.13 -8.05 24.06
CA ILE A 143 -11.54 -7.92 24.41
C ILE A 143 -11.75 -6.78 25.41
N THR A 144 -10.86 -6.68 26.41
CA THR A 144 -11.07 -5.73 27.50
C THR A 144 -10.80 -4.30 27.06
N LYS A 145 -9.57 -4.01 26.63
CA LYS A 145 -9.13 -2.64 26.36
C LYS A 145 -8.57 -2.55 24.94
N PRO A 146 -9.44 -2.48 23.94
CA PRO A 146 -8.95 -2.29 22.57
C PRO A 146 -8.29 -0.94 22.34
N LEU A 147 -8.70 0.08 23.10
CA LEU A 147 -8.10 1.40 22.95
C LEU A 147 -6.63 1.39 23.35
N SER A 148 -6.29 0.68 24.42
CA SER A 148 -4.91 0.56 24.88
C SER A 148 -4.18 -0.61 24.24
N TYR A 149 -4.85 -1.37 23.37
CA TYR A 149 -4.19 -2.44 22.65
C TYR A 149 -3.10 -1.89 21.75
N ASN A 150 -3.44 -0.90 20.92
CA ASN A 150 -2.45 -0.32 20.01
C ASN A 150 -1.45 0.56 20.76
N GLN A 151 -1.75 0.95 21.99
CA GLN A 151 -0.87 1.79 22.77
C GLN A 151 0.07 1.00 23.68
N LEU A 152 -0.02 -0.33 23.68
CA LEU A 152 0.83 -1.14 24.54
C LEU A 152 1.50 -2.25 23.74
N VAL A 153 0.83 -2.74 22.70
CA VAL A 153 1.31 -3.87 21.91
C VAL A 153 1.87 -3.35 20.60
N THR A 154 3.16 -3.53 20.40
CA THR A 154 3.87 -3.09 19.21
C THR A 154 4.75 -4.23 18.71
N PRO A 155 5.18 -4.17 17.44
CA PRO A 155 6.06 -5.23 16.94
C PRO A 155 7.37 -5.36 17.71
N CYS A 156 7.94 -4.24 18.15
CA CYS A 156 9.16 -4.30 18.97
C CYS A 156 8.88 -4.96 20.32
N ARG A 157 7.74 -4.64 20.93
CA ARG A 157 7.39 -5.25 22.21
C ARG A 157 7.21 -6.75 22.07
N LEU A 158 6.56 -7.21 20.99
CA LEU A 158 6.39 -8.65 20.80
C LEU A 158 7.68 -9.34 20.41
N ARG A 159 8.58 -8.66 19.69
CA ARG A 159 9.90 -9.23 19.46
C ARG A 159 10.66 -9.40 20.77
N ILE A 160 10.57 -8.42 21.66
CA ILE A 160 11.19 -8.54 22.97
C ILE A 160 10.56 -9.68 23.75
N CYS A 161 9.24 -9.83 23.66
CA CYS A 161 8.57 -10.92 24.35
C CYS A 161 8.98 -12.28 23.80
N ILE A 162 9.18 -12.38 22.48
CA ILE A 162 9.62 -13.64 21.89
C ILE A 162 11.04 -13.99 22.32
N ILE A 163 11.92 -12.98 22.34
CA ILE A 163 13.26 -13.22 22.87
C ILE A 163 13.19 -13.68 24.31
N LEU A 164 12.30 -13.06 25.09
CA LEU A 164 12.16 -13.41 26.50
C LEU A 164 11.67 -14.84 26.69
N ILE A 165 10.68 -15.27 25.89
CA ILE A 165 10.14 -16.63 26.07
C ILE A 165 11.16 -17.68 25.65
N TRP A 166 11.88 -17.44 24.54
CA TRP A 166 12.92 -18.38 24.14
C TRP A 166 14.02 -18.46 25.19
N ILE A 167 14.45 -17.31 25.72
CA ILE A 167 15.47 -17.28 26.77
C ILE A 167 14.97 -18.01 28.01
N TYR A 168 13.71 -17.81 28.38
CA TYR A 168 13.17 -18.43 29.58
C TYR A 168 13.10 -19.94 29.44
N SER A 169 12.71 -20.43 28.27
CA SER A 169 12.70 -21.88 28.05
C SER A 169 14.11 -22.46 28.09
N CYS A 170 15.07 -21.78 27.45
CA CYS A 170 16.44 -22.27 27.49
C CYS A 170 16.99 -22.28 28.91
N LEU A 171 16.71 -21.23 29.68
CA LEU A 171 17.18 -21.15 31.06
C LEU A 171 16.53 -22.22 31.94
N ILE A 172 15.23 -22.47 31.76
CA ILE A 172 14.59 -23.44 32.65
C ILE A 172 15.07 -24.86 32.32
N PHE A 173 15.41 -25.13 31.06
CA PHE A 173 15.85 -26.49 30.74
C PHE A 173 17.36 -26.68 30.77
N LEU A 174 18.16 -25.63 30.95
CA LEU A 174 19.59 -25.82 31.13
C LEU A 174 19.97 -26.67 32.35
N PRO A 175 19.35 -26.53 33.54
CA PRO A 175 19.73 -27.41 34.66
C PRO A 175 19.45 -28.87 34.39
N SER A 176 18.56 -29.19 33.47
CA SER A 176 18.33 -30.58 33.09
C SER A 176 19.58 -31.18 32.47
N PHE A 177 20.25 -30.44 31.59
CA PHE A 177 21.52 -30.87 31.03
C PHE A 177 22.68 -30.64 31.99
N PHE A 178 22.48 -29.81 33.03
CA PHE A 178 23.52 -29.65 34.03
C PHE A 178 23.76 -30.93 34.82
N GLY A 179 22.69 -31.69 35.07
CA GLY A 179 22.83 -32.96 35.76
C GLY A 179 21.83 -33.21 36.87
N TRP A 180 20.79 -32.38 36.95
CA TRP A 180 19.80 -32.57 38.00
C TRP A 180 18.90 -33.78 37.74
N GLY A 181 18.67 -34.11 36.48
CA GLY A 181 17.86 -35.26 36.15
C GLY A 181 17.39 -35.21 34.72
N LYS A 182 16.56 -36.19 34.37
CA LYS A 182 16.01 -36.28 33.02
C LYS A 182 15.08 -35.11 32.76
N PRO A 183 15.28 -34.36 31.67
CA PRO A 183 14.26 -33.38 31.26
C PRO A 183 12.92 -34.02 30.95
N GLY A 184 12.92 -35.26 30.47
CA GLY A 184 11.69 -35.96 30.15
C GLY A 184 12.00 -37.23 29.42
N TYR A 185 10.93 -37.94 29.06
CA TYR A 185 11.03 -39.19 28.32
C TYR A 185 11.02 -38.98 26.81
N HIS A 186 11.41 -37.79 26.36
CA HIS A 186 11.60 -37.57 24.93
C HIS A 186 12.72 -38.43 24.38
N GLY A 187 13.82 -38.52 25.12
CA GLY A 187 14.94 -39.34 24.71
C GLY A 187 14.91 -40.73 25.32
N ASP A 188 13.72 -41.31 25.41
CA ASP A 188 13.57 -42.65 25.97
C ASP A 188 13.86 -43.74 24.95
N ILE A 189 14.13 -43.39 23.70
CA ILE A 189 14.42 -44.40 22.69
C ILE A 189 15.76 -45.07 22.97
N PHE A 190 16.78 -44.28 23.28
CA PHE A 190 18.09 -44.84 23.60
C PHE A 190 18.07 -45.43 25.01
N GLU A 191 18.77 -46.56 25.18
CA GLU A 191 18.80 -47.22 26.48
C GLU A 191 19.58 -46.40 27.51
N TRP A 192 20.57 -45.64 27.06
CA TRP A 192 21.41 -44.88 27.99
C TRP A 192 20.59 -43.86 28.75
N CYS A 193 19.70 -43.15 28.08
CA CYS A 193 18.78 -42.23 28.74
C CYS A 193 17.54 -42.93 29.26
N ALA A 194 17.42 -44.25 29.06
CA ALA A 194 16.26 -44.98 29.55
C ALA A 194 16.51 -45.62 30.91
N THR A 195 17.69 -46.17 31.14
CA THR A 195 17.97 -46.84 32.41
C THR A 195 19.18 -46.29 33.16
N SER A 196 20.18 -45.76 32.47
CA SER A 196 21.39 -45.34 33.17
C SER A 196 21.17 -44.03 33.95
N TRP A 197 20.50 -43.06 33.35
CA TRP A 197 20.28 -41.76 33.96
C TRP A 197 18.78 -41.55 34.06
N LEU A 198 18.30 -41.25 35.27
CA LEU A 198 16.88 -41.21 35.56
C LEU A 198 16.46 -39.82 36.03
N THR A 199 15.18 -39.66 36.29
CA THR A 199 14.58 -38.40 36.70
C THR A 199 14.82 -38.14 38.19
N SER A 200 14.47 -36.93 38.63
CA SER A 200 14.63 -36.51 40.01
C SER A 200 13.30 -36.06 40.58
N ALA A 201 13.05 -36.40 41.84
CA ALA A 201 11.84 -35.94 42.51
C ALA A 201 11.84 -34.43 42.69
N TYR A 202 13.00 -33.84 42.98
CA TYR A 202 13.13 -32.41 43.17
C TYR A 202 13.28 -31.65 41.86
N PHE A 203 12.91 -32.26 40.74
CA PHE A 203 13.02 -31.62 39.43
C PHE A 203 11.69 -31.54 38.71
N THR A 204 10.87 -32.60 38.77
CA THR A 204 9.60 -32.59 38.07
C THR A 204 8.68 -31.50 38.60
N GLY A 205 8.53 -31.43 39.93
CA GLY A 205 7.71 -30.40 40.52
C GLY A 205 8.24 -29.00 40.26
N PHE A 206 9.57 -28.85 40.21
CA PHE A 206 10.18 -27.56 39.93
C PHE A 206 9.87 -27.12 38.51
N ILE A 207 10.00 -28.04 37.54
CA ILE A 207 9.69 -27.73 36.15
C ILE A 207 8.22 -27.38 36.01
N VAL A 208 7.34 -28.14 36.67
CA VAL A 208 5.91 -27.84 36.61
C VAL A 208 5.63 -26.47 37.22
N CYS A 209 6.26 -26.16 38.35
CA CYS A 209 5.98 -24.92 39.06
C CYS A 209 6.54 -23.69 38.35
N LEU A 210 7.53 -23.86 37.47
CA LEU A 210 8.01 -22.70 36.72
C LEU A 210 7.48 -22.61 35.29
N LEU A 211 7.10 -23.73 34.68
CA LEU A 211 6.55 -23.70 33.32
C LEU A 211 5.12 -24.21 33.23
N TYR A 212 4.84 -25.41 33.73
CA TYR A 212 3.60 -26.07 33.37
C TYR A 212 2.41 -25.50 34.14
N ALA A 213 2.57 -25.39 35.46
CA ALA A 213 1.52 -24.76 36.27
C ALA A 213 1.26 -23.31 35.90
N PRO A 214 2.26 -22.44 35.71
CA PRO A 214 1.93 -21.07 35.26
C PRO A 214 1.29 -21.02 33.88
N ALA A 215 1.65 -21.91 32.96
CA ALA A 215 1.00 -21.93 31.66
C ALA A 215 -0.47 -22.33 31.80
N ALA A 216 -0.75 -23.34 32.62
CA ALA A 216 -2.13 -23.70 32.90
C ALA A 216 -2.87 -22.54 33.57
N PHE A 217 -2.18 -21.81 34.45
CA PHE A 217 -2.79 -20.67 35.12
C PHE A 217 -3.14 -19.58 34.13
N VAL A 218 -2.24 -19.30 33.18
CA VAL A 218 -2.50 -18.28 32.17
C VAL A 218 -3.68 -18.69 31.29
N VAL A 219 -3.72 -19.95 30.88
CA VAL A 219 -4.82 -20.42 30.04
C VAL A 219 -6.15 -20.34 30.80
N CYS A 220 -6.14 -20.78 32.07
CA CYS A 220 -7.36 -20.72 32.86
C CYS A 220 -7.82 -19.28 33.09
N PHE A 221 -6.87 -18.37 33.33
CA PHE A 221 -7.21 -16.97 33.54
C PHE A 221 -7.83 -16.40 32.28
N THR A 222 -7.22 -16.65 31.12
CA THR A 222 -7.68 -16.01 29.90
C THR A 222 -8.95 -16.65 29.34
N TYR A 223 -8.88 -17.94 29.00
CA TYR A 223 -9.94 -18.55 28.21
C TYR A 223 -11.27 -18.60 28.94
N PHE A 224 -11.25 -18.80 30.25
CA PHE A 224 -12.51 -18.80 31.01
C PHE A 224 -13.19 -17.44 30.94
N HIS A 225 -12.42 -16.36 31.11
CA HIS A 225 -12.99 -15.02 31.01
C HIS A 225 -13.44 -14.71 29.59
N ILE A 226 -12.67 -15.15 28.59
CA ILE A 226 -13.03 -14.92 27.20
C ILE A 226 -14.35 -15.61 26.86
N PHE A 227 -14.49 -16.87 27.30
CA PHE A 227 -15.76 -17.57 27.08
C PHE A 227 -16.89 -16.97 27.91
N LYS A 228 -16.55 -16.33 29.04
CA LYS A 228 -17.58 -15.67 29.84
C LYS A 228 -18.12 -14.43 29.14
N ILE A 229 -17.26 -13.68 28.45
CA ILE A 229 -17.64 -12.43 27.82
C ILE A 229 -17.52 -12.51 26.29
N CYS A 230 -17.62 -13.73 25.73
CA CYS A 230 -17.54 -13.88 24.28
C CYS A 230 -18.70 -13.22 23.57
N ARG A 231 -19.88 -13.20 24.20
CA ARG A 231 -21.06 -12.60 23.62
C ARG A 231 -21.34 -11.24 24.26
N GLN A 232 -21.99 -10.37 23.51
CA GLN A 232 -22.35 -9.05 24.02
C GLN A 232 -23.44 -9.19 25.09
N HIS A 233 -23.37 -8.32 26.10
CA HIS A 233 -24.38 -8.33 27.16
C HIS A 233 -25.74 -7.87 26.67
N THR A 234 -25.81 -7.19 25.52
CA THR A 234 -27.08 -6.74 24.97
C THR A 234 -27.87 -7.89 24.39
N ARG A 261 -13.23 -12.64 16.66
CA ARG A 261 -14.48 -13.40 16.49
C ARG A 261 -14.21 -14.69 15.73
N ARG A 262 -13.79 -14.56 14.47
CA ARG A 262 -13.49 -15.73 13.66
C ARG A 262 -12.30 -16.52 14.19
N TYR A 263 -11.38 -15.86 14.89
CA TYR A 263 -10.23 -16.52 15.49
C TYR A 263 -10.60 -17.35 16.72
N ALA A 264 -11.79 -17.14 17.30
CA ALA A 264 -12.10 -17.73 18.59
C ALA A 264 -12.14 -19.25 18.53
N MET A 265 -12.93 -19.78 17.58
CA MET A 265 -13.05 -21.23 17.45
C MET A 265 -11.72 -21.86 17.07
N VAL A 266 -10.97 -21.22 16.17
CA VAL A 266 -9.72 -21.80 15.70
C VAL A 266 -8.67 -21.81 16.82
N LEU A 267 -8.64 -20.77 17.65
CA LEU A 267 -7.67 -20.74 18.73
C LEU A 267 -8.05 -21.68 19.86
N PHE A 268 -9.35 -21.79 20.14
CA PHE A 268 -9.80 -22.78 21.12
C PHE A 268 -9.47 -24.18 20.65
N ARG A 269 -9.65 -24.45 19.35
CA ARG A 269 -9.29 -25.75 18.80
C ARG A 269 -7.79 -26.00 18.92
N ILE A 270 -6.97 -24.99 18.65
CA ILE A 270 -5.52 -25.14 18.76
C ILE A 270 -5.14 -25.47 20.20
N THR A 271 -5.68 -24.73 21.16
CA THR A 271 -5.34 -24.95 22.56
C THR A 271 -5.83 -26.31 23.04
N SER A 272 -7.00 -26.75 22.55
CA SER A 272 -7.50 -28.06 22.93
C SER A 272 -6.63 -29.17 22.38
N VAL A 273 -6.33 -29.13 21.07
CA VAL A 273 -5.51 -30.18 20.48
C VAL A 273 -4.05 -30.06 20.89
N PHE A 274 -3.69 -29.00 21.61
CA PHE A 274 -2.41 -28.99 22.31
C PHE A 274 -2.54 -29.69 23.65
N TYR A 275 -3.38 -29.15 24.54
CA TYR A 275 -3.33 -29.54 25.94
C TYR A 275 -3.95 -30.90 26.21
N MET A 276 -4.91 -31.35 25.38
CA MET A 276 -5.49 -32.66 25.59
C MET A 276 -4.47 -33.77 25.42
N LEU A 277 -3.63 -33.67 24.38
CA LEU A 277 -2.53 -34.62 24.24
C LEU A 277 -1.33 -34.27 25.11
N TRP A 278 -1.24 -33.03 25.59
CA TRP A 278 -0.13 -32.68 26.47
C TRP A 278 -0.34 -33.21 27.88
N LEU A 279 -1.60 -33.32 28.33
CA LEU A 279 -1.89 -33.76 29.68
C LEU A 279 -1.33 -35.14 30.03
N PRO A 280 -1.41 -36.18 29.17
CA PRO A 280 -0.81 -37.47 29.53
C PRO A 280 0.68 -37.35 29.85
N TYR A 281 1.40 -36.51 29.11
CA TYR A 281 2.83 -36.35 29.35
C TYR A 281 3.11 -35.81 30.74
N ILE A 282 2.36 -34.79 31.18
CA ILE A 282 2.65 -34.19 32.47
C ILE A 282 2.18 -35.09 33.61
N ILE A 283 1.06 -35.81 33.43
CA ILE A 283 0.66 -36.69 34.53
C ILE A 283 1.64 -37.84 34.65
N TYR A 284 2.19 -38.33 33.52
CA TYR A 284 3.24 -39.34 33.62
C TYR A 284 4.50 -38.77 34.25
N PHE A 285 4.85 -37.52 33.92
CA PHE A 285 6.03 -36.90 34.48
C PHE A 285 5.92 -36.77 35.99
N LEU A 286 4.75 -36.37 36.48
CA LEU A 286 4.55 -36.26 37.92
C LEU A 286 4.47 -37.64 38.57
N LEU A 287 3.75 -38.57 37.95
CA LEU A 287 3.52 -39.88 38.56
C LEU A 287 4.80 -40.70 38.61
N GLU A 288 5.56 -40.73 37.52
CA GLU A 288 6.75 -41.58 37.46
C GLU A 288 7.78 -41.11 38.49
N SER A 289 7.90 -39.80 38.68
CA SER A 289 8.81 -39.28 39.70
C SER A 289 8.42 -39.73 41.10
N SER A 290 7.14 -40.04 41.31
CA SER A 290 6.68 -40.62 42.58
C SER A 290 6.96 -42.11 42.67
N ARG A 291 7.48 -42.72 41.60
CA ARG A 291 7.86 -44.13 41.56
C ARG A 291 6.66 -45.04 41.86
N VAL A 292 5.49 -44.68 41.35
CA VAL A 292 4.29 -45.48 41.53
C VAL A 292 4.03 -46.40 40.34
N LEU A 293 4.19 -45.90 39.12
CA LEU A 293 4.01 -46.70 37.92
C LEU A 293 4.93 -46.17 36.84
N ASP A 294 5.90 -46.97 36.42
CA ASP A 294 6.88 -46.54 35.43
C ASP A 294 7.18 -47.73 34.51
N ASN A 295 6.54 -47.76 33.35
CA ASN A 295 6.81 -48.74 32.33
C ASN A 295 7.30 -48.04 31.07
N PRO A 296 8.42 -48.48 30.49
CA PRO A 296 8.98 -47.76 29.34
C PRO A 296 8.06 -47.69 28.14
N THR A 297 7.24 -48.72 27.89
CA THR A 297 6.35 -48.70 26.74
C THR A 297 5.30 -47.61 26.87
N LEU A 298 4.70 -47.47 28.06
CA LEU A 298 3.68 -46.44 28.24
C LEU A 298 4.31 -45.06 28.26
N SER A 299 5.53 -44.92 28.78
CA SER A 299 6.23 -43.65 28.69
C SER A 299 6.49 -43.25 27.24
N PHE A 300 6.91 -44.21 26.42
CA PHE A 300 7.08 -43.98 24.99
C PHE A 300 5.77 -43.55 24.35
N LEU A 301 4.69 -44.26 24.67
CA LEU A 301 3.39 -43.95 24.10
C LEU A 301 2.94 -42.54 24.46
N THR A 302 3.09 -42.16 25.74
CA THR A 302 2.61 -40.85 26.16
C THR A 302 3.50 -39.73 25.62
N THR A 303 4.82 -39.94 25.56
CA THR A 303 5.67 -38.88 25.05
C THR A 303 5.45 -38.68 23.56
N TRP A 304 5.18 -39.75 22.80
CA TRP A 304 4.95 -39.54 21.38
C TRP A 304 3.53 -39.08 21.09
N LEU A 305 2.56 -39.42 21.95
CA LEU A 305 1.25 -38.79 21.86
C LEU A 305 1.34 -37.29 22.11
N ALA A 306 2.19 -36.89 23.06
CA ALA A 306 2.43 -35.47 23.30
C ALA A 306 3.13 -34.82 22.12
N ILE A 307 4.08 -35.52 21.51
CA ILE A 307 4.80 -34.95 20.37
C ILE A 307 3.89 -34.82 19.16
N SER A 308 2.88 -35.69 19.04
CA SER A 308 1.98 -35.65 17.88
C SER A 308 1.20 -34.34 17.79
N ASN A 309 1.16 -33.55 18.87
CA ASN A 309 0.61 -32.20 18.77
C ASN A 309 1.38 -31.37 17.74
N SER A 310 2.67 -31.66 17.55
CA SER A 310 3.43 -30.99 16.50
C SER A 310 2.90 -31.35 15.12
N PHE A 311 2.54 -32.61 14.91
CA PHE A 311 1.98 -32.99 13.62
C PHE A 311 0.55 -32.47 13.46
N CYS A 312 -0.14 -32.22 14.57
CA CYS A 312 -1.53 -31.81 14.47
C CYS A 312 -1.69 -30.29 14.29
N ASN A 313 -0.92 -29.49 15.04
CA ASN A 313 -1.20 -28.07 15.13
C ASN A 313 -1.12 -27.33 13.79
N PRO A 314 -0.09 -27.51 12.96
CA PRO A 314 -0.17 -26.91 11.62
C PRO A 314 -1.32 -27.44 10.78
N VAL A 315 -1.65 -28.73 10.94
CA VAL A 315 -2.72 -29.32 10.15
C VAL A 315 -4.07 -28.71 10.53
N ILE A 316 -4.34 -28.61 11.83
CA ILE A 316 -5.62 -28.05 12.26
C ILE A 316 -5.67 -26.55 11.98
N TYR A 317 -4.52 -25.86 12.09
CA TYR A 317 -4.51 -24.44 11.77
C TYR A 317 -4.81 -24.21 10.29
N SER A 318 -4.22 -25.02 9.42
CA SER A 318 -4.53 -24.92 7.99
C SER A 318 -6.00 -25.26 7.72
N LEU A 319 -6.52 -26.26 8.41
CA LEU A 319 -7.93 -26.62 8.25
C LEU A 319 -8.87 -25.62 8.89
N SER A 320 -8.36 -24.68 9.67
CA SER A 320 -9.20 -23.69 10.36
C SER A 320 -9.03 -22.28 9.82
N ASN A 321 -7.83 -21.88 9.42
CA ASN A 321 -7.62 -20.56 8.85
C ASN A 321 -8.27 -20.49 7.47
N SER A 322 -8.90 -19.35 7.19
CA SER A 322 -9.69 -19.22 5.96
C SER A 322 -8.82 -19.18 4.71
N VAL A 323 -7.62 -18.59 4.80
CA VAL A 323 -6.76 -18.48 3.63
C VAL A 323 -6.30 -19.85 3.16
N PHE A 324 -5.88 -20.71 4.09
CA PHE A 324 -5.41 -22.04 3.71
C PHE A 324 -6.58 -22.94 3.30
N ARG A 325 -7.66 -22.92 4.07
CA ARG A 325 -8.78 -23.82 3.81
C ARG A 325 -9.48 -23.47 2.50
N LEU A 326 -9.84 -22.20 2.32
CA LEU A 326 -10.51 -21.79 1.08
C LEU A 326 -9.54 -21.72 -0.09
N GLY A 327 -8.28 -21.37 0.16
CA GLY A 327 -7.31 -21.32 -0.91
C GLY A 327 -7.01 -22.69 -1.51
N LEU A 328 -6.86 -23.70 -0.67
CA LEU A 328 -6.59 -25.05 -1.15
C LEU A 328 -7.85 -25.80 -1.56
N ARG A 329 -9.03 -25.30 -1.21
CA ARG A 329 -10.27 -25.95 -1.64
C ARG A 329 -10.42 -25.91 -3.15
N ARG A 330 -10.11 -24.76 -3.76
CA ARG A 330 -10.17 -24.66 -5.21
C ARG A 330 -9.08 -25.50 -5.88
N LEU A 331 -7.92 -25.60 -5.26
CA LEU A 331 -6.85 -26.44 -5.80
C LEU A 331 -7.25 -27.91 -5.77
N SER A 332 -7.89 -28.35 -4.68
CA SER A 332 -8.40 -29.71 -4.62
C SER A 332 -9.51 -29.93 -5.64
N GLU A 333 -10.38 -28.94 -5.82
CA GLU A 333 -11.45 -29.05 -6.81
C GLU A 333 -10.88 -29.12 -8.23
N THR A 334 -9.85 -28.33 -8.51
CA THR A 334 -9.22 -28.34 -9.83
C THR A 334 -8.17 -29.45 -9.93
N GLU A 354 -1.22 -10.54 -25.56
CA GLU A 354 -1.69 -10.11 -26.87
C GLU A 354 -2.94 -9.24 -26.75
N SEP A 355 -3.14 -8.65 -25.57
CA SEP A 355 -4.26 -7.74 -25.37
CB SEP A 355 -4.42 -7.42 -23.88
OG SEP A 355 -4.70 -8.59 -23.13
C SEP A 355 -4.05 -6.46 -26.14
O SEP A 355 -2.94 -5.93 -26.20
P SEP A 355 -4.80 -8.21 -21.56
O1P SEP A 355 -6.13 -8.86 -20.94
O2P SEP A 355 -4.86 -6.60 -21.41
O3P SEP A 355 -3.51 -8.76 -20.79
N ALA A 356 -5.12 -5.96 -26.75
CA ALA A 356 -5.03 -4.73 -27.54
C ALA A 356 -4.87 -3.52 -26.63
N TPO A 357 -4.51 -2.38 -27.22
CA TPO A 357 -4.30 -1.15 -26.46
CB TPO A 357 -3.30 -0.25 -27.19
CG2 TPO A 357 -2.32 0.38 -26.19
OG1 TPO A 357 -2.68 -0.95 -28.30
P TPO A 357 -1.36 -1.81 -27.94
O1P TPO A 357 -1.47 -2.59 -26.69
O2P TPO A 357 -1.16 -2.88 -29.14
O3P TPO A 357 -0.04 -0.89 -27.92
C TPO A 357 -5.61 -0.43 -26.23
O TPO A 357 -6.53 -0.52 -27.02
N TPO A 358 -5.67 0.30 -25.11
CA TPO A 358 -6.87 1.05 -24.75
CB TPO A 358 -6.90 1.33 -23.26
CG2 TPO A 358 -8.34 1.62 -22.84
OG1 TPO A 358 -6.41 0.20 -22.55
P TPO A 358 -5.21 0.71 -21.61
O1P TPO A 358 -5.59 1.97 -20.95
O2P TPO A 358 -4.91 -0.40 -20.49
O3P TPO A 358 -3.89 0.94 -22.51
C TPO A 358 -6.96 2.35 -25.54
O TPO A 358 -6.40 3.37 -25.12
N ALA A 359 -7.66 2.32 -26.66
CA ALA A 359 -7.80 3.49 -27.52
C ALA A 359 -9.04 4.30 -27.16
N SEP A 360 -9.48 5.14 -28.09
CA SEP A 360 -10.63 5.98 -27.87
CB SEP A 360 -10.24 7.27 -27.14
OG SEP A 360 -9.53 8.13 -28.02
C SEP A 360 -11.32 6.33 -29.19
O SEP A 360 -11.03 5.73 -30.21
P SEP A 360 -8.71 9.23 -27.18
O1P SEP A 360 -9.08 9.12 -25.63
O2P SEP A 360 -9.08 10.70 -27.72
O3P SEP A 360 -7.14 8.97 -27.38
N SEP A 361 -12.23 7.29 -29.14
CA SEP A 361 -12.92 7.74 -30.34
CB SEP A 361 -14.11 6.83 -30.64
OG SEP A 361 -14.74 7.21 -31.85
C SEP A 361 -13.38 9.18 -30.22
O SEP A 361 -12.62 10.06 -29.81
P SEP A 361 -14.39 6.17 -33.02
O1P SEP A 361 -14.91 4.70 -32.59
O2P SEP A 361 -15.10 6.62 -34.38
O3P SEP A 361 -12.80 6.11 -33.24
N SEP A 362 -14.64 9.43 -30.57
CA SEP A 362 -15.19 10.77 -30.53
CB SEP A 362 -14.86 11.53 -31.82
OG SEP A 362 -15.58 11.00 -32.91
C SEP A 362 -16.70 10.76 -30.33
O SEP A 362 -17.43 10.16 -31.11
P SEP A 362 -14.98 11.55 -34.30
O1P SEP A 362 -16.19 11.86 -35.32
O2P SEP A 362 -14.00 10.45 -34.93
O3P SEP A 362 -14.16 12.91 -34.02
N LEU A 363 -17.15 11.42 -29.27
CA LEU A 363 -18.58 11.53 -29.02
C LEU A 363 -19.07 12.95 -29.25
N ALA A 364 -19.87 13.14 -30.29
CA ALA A 364 -20.42 14.45 -30.60
C ALA A 364 -21.42 14.86 -29.52
N LYS A 365 -21.39 16.14 -29.15
CA LYS A 365 -22.27 16.67 -28.13
C LYS A 365 -23.66 16.94 -28.72
N ASP A 366 -24.50 17.62 -27.95
CA ASP A 366 -25.84 17.96 -28.42
C ASP A 366 -25.79 19.00 -29.53
N THR B 15 -17.62 14.02 -26.36
CA THR B 15 -16.21 14.38 -26.37
C THR B 15 -15.33 13.18 -26.71
N ARG B 16 -14.71 12.59 -25.70
CA ARG B 16 -13.84 11.44 -25.89
C ARG B 16 -14.31 10.30 -24.99
N VAL B 17 -14.43 9.10 -25.56
CA VAL B 17 -14.86 7.92 -24.84
C VAL B 17 -13.84 6.81 -25.08
N PHE B 18 -13.46 6.12 -24.00
CA PHE B 18 -12.42 5.12 -24.07
C PHE B 18 -12.91 3.86 -24.78
N LYS B 19 -12.00 3.20 -25.49
CA LYS B 19 -12.28 1.97 -26.22
C LYS B 19 -11.15 0.99 -26.00
N LYS B 20 -11.49 -0.29 -25.84
CA LYS B 20 -10.47 -1.31 -25.63
C LYS B 20 -10.22 -2.19 -26.85
N ALA B 21 -11.25 -2.45 -27.66
CA ALA B 21 -11.11 -3.09 -28.97
C ALA B 21 -10.44 -4.46 -28.87
N SER B 22 -11.19 -5.39 -28.27
CA SER B 22 -10.80 -6.77 -27.94
C SER B 22 -10.00 -7.45 -29.05
N PRO B 23 -9.06 -8.34 -28.69
CA PRO B 23 -8.25 -9.01 -29.72
C PRO B 23 -9.08 -9.84 -30.69
N ASN B 24 -10.27 -10.27 -30.30
CA ASN B 24 -11.18 -10.89 -31.26
C ASN B 24 -11.59 -9.91 -32.34
N GLY B 25 -11.55 -8.61 -32.04
CA GLY B 25 -11.89 -7.58 -33.01
C GLY B 25 -13.38 -7.41 -33.25
N LYS B 26 -14.23 -8.09 -32.49
CA LYS B 26 -15.67 -8.07 -32.72
C LYS B 26 -16.41 -7.21 -31.70
N LEU B 27 -16.17 -7.42 -30.41
CA LEU B 27 -16.80 -6.62 -29.37
C LEU B 27 -15.80 -5.60 -28.83
N THR B 28 -16.24 -4.35 -28.72
CA THR B 28 -15.42 -3.27 -28.18
C THR B 28 -16.19 -2.62 -27.04
N VAL B 29 -15.54 -2.45 -25.90
CA VAL B 29 -16.17 -1.83 -24.74
C VAL B 29 -15.94 -0.32 -24.80
N TYR B 30 -16.98 0.44 -24.53
CA TYR B 30 -16.93 1.90 -24.53
C TYR B 30 -17.25 2.39 -23.12
N LEU B 31 -16.36 3.20 -22.56
CA LEU B 31 -16.52 3.70 -21.21
C LEU B 31 -16.40 5.23 -21.21
N GLY B 32 -17.24 5.86 -20.41
CA GLY B 32 -17.24 7.31 -20.31
C GLY B 32 -16.01 7.86 -19.63
N LYS B 33 -15.86 7.56 -18.34
CA LYS B 33 -14.74 8.03 -17.54
C LYS B 33 -13.97 6.86 -16.99
N ARG B 34 -12.64 6.93 -17.09
CA ARG B 34 -11.79 5.89 -16.52
C ARG B 34 -11.93 5.84 -15.00
N ASP B 35 -11.98 7.00 -14.36
CA ASP B 35 -12.13 7.10 -12.92
C ASP B 35 -13.59 7.26 -12.55
N PHE B 36 -13.89 7.14 -11.25
CA PHE B 36 -15.26 7.27 -10.78
C PHE B 36 -15.23 7.85 -9.37
N VAL B 37 -15.76 9.06 -9.22
CA VAL B 37 -15.78 9.73 -7.93
C VAL B 37 -16.78 9.05 -7.01
N ASP B 38 -16.39 8.86 -5.75
CA ASP B 38 -17.22 8.22 -4.74
C ASP B 38 -17.26 9.19 -3.57
N HIS B 39 -18.43 9.80 -3.34
CA HIS B 39 -18.58 10.81 -2.29
C HIS B 39 -18.75 10.11 -0.94
N ILE B 40 -19.19 10.87 0.07
CA ILE B 40 -19.36 10.31 1.40
C ILE B 40 -20.45 9.25 1.40
N ASP B 41 -21.57 9.52 0.72
CA ASP B 41 -22.72 8.63 0.74
C ASP B 41 -23.07 8.04 -0.61
N LEU B 42 -22.90 8.77 -1.70
CA LEU B 42 -23.27 8.31 -3.03
C LEU B 42 -22.04 8.27 -3.93
N VAL B 43 -21.94 7.21 -4.72
CA VAL B 43 -20.83 6.99 -5.64
C VAL B 43 -21.36 7.08 -7.07
N ASP B 44 -20.61 7.76 -7.93
CA ASP B 44 -21.01 7.95 -9.32
C ASP B 44 -21.14 6.60 -10.02
N PRO B 45 -22.30 6.28 -10.59
CA PRO B 45 -22.45 4.99 -11.26
C PRO B 45 -21.66 4.93 -12.56
N VAL B 46 -21.29 3.72 -12.94
CA VAL B 46 -20.56 3.49 -14.18
C VAL B 46 -21.57 3.23 -15.29
N ASP B 47 -21.20 3.59 -16.52
CA ASP B 47 -22.07 3.38 -17.66
C ASP B 47 -21.24 3.29 -18.94
N GLY B 48 -21.80 2.63 -19.93
CA GLY B 48 -21.13 2.48 -21.21
C GLY B 48 -21.93 1.57 -22.11
N VAL B 49 -21.36 1.32 -23.30
CA VAL B 49 -21.98 0.42 -24.26
C VAL B 49 -20.91 -0.52 -24.79
N VAL B 50 -21.36 -1.61 -25.40
CA VAL B 50 -20.49 -2.52 -26.14
C VAL B 50 -21.10 -2.76 -27.51
N LEU B 51 -20.25 -2.69 -28.54
CA LEU B 51 -20.67 -2.91 -29.91
C LEU B 51 -20.01 -4.19 -30.41
N VAL B 52 -20.82 -5.20 -30.71
CA VAL B 52 -20.34 -6.51 -31.12
C VAL B 52 -20.96 -6.86 -32.47
N ASP B 53 -20.13 -7.36 -33.38
CA ASP B 53 -20.58 -7.80 -34.70
C ASP B 53 -21.65 -8.88 -34.54
N PRO B 54 -22.91 -8.57 -34.84
CA PRO B 54 -23.99 -9.54 -34.61
C PRO B 54 -23.94 -10.75 -35.52
N GLU B 55 -23.11 -10.73 -36.56
CA GLU B 55 -23.02 -11.88 -37.47
C GLU B 55 -22.52 -13.12 -36.74
N TYR B 56 -21.51 -12.95 -35.87
CA TYR B 56 -20.97 -14.11 -35.15
C TYR B 56 -21.92 -14.57 -34.06
N LEU B 57 -22.50 -13.62 -33.31
CA LEU B 57 -23.27 -13.95 -32.11
C LEU B 57 -24.63 -14.52 -32.51
N LYS B 58 -24.59 -15.74 -33.04
CA LYS B 58 -25.82 -16.44 -33.40
C LYS B 58 -26.59 -16.87 -32.16
N GLU B 59 -25.89 -17.47 -31.19
CA GLU B 59 -26.54 -17.94 -29.98
C GLU B 59 -25.79 -17.48 -28.73
N ARG B 60 -24.49 -17.29 -28.85
CA ARG B 60 -23.68 -16.91 -27.71
C ARG B 60 -24.05 -15.52 -27.20
N ARG B 61 -24.16 -15.39 -25.89
CA ARG B 61 -24.57 -14.15 -25.24
C ARG B 61 -23.36 -13.41 -24.69
N VAL B 62 -23.35 -12.10 -24.86
CA VAL B 62 -22.22 -11.26 -24.43
C VAL B 62 -22.52 -10.72 -23.04
N TYR B 63 -21.59 -10.93 -22.11
CA TYR B 63 -21.72 -10.50 -20.73
C TYR B 63 -20.58 -9.55 -20.37
N VAL B 64 -20.91 -8.53 -19.57
CA VAL B 64 -19.90 -7.63 -19.03
C VAL B 64 -20.00 -7.70 -17.51
N THR B 65 -18.88 -7.39 -16.84
CA THR B 65 -18.83 -7.54 -15.39
C THR B 65 -17.82 -6.57 -14.81
N LEU B 66 -17.96 -6.32 -13.51
CA LEU B 66 -17.01 -5.54 -12.75
C LEU B 66 -16.64 -6.31 -11.50
N THR B 67 -15.35 -6.51 -11.27
CA THR B 67 -14.86 -7.30 -10.14
C THR B 67 -13.98 -6.43 -9.27
N VAL B 68 -14.28 -6.38 -7.98
CA VAL B 68 -13.41 -5.75 -6.99
C VAL B 68 -12.44 -6.83 -6.52
N ALA B 69 -11.30 -6.91 -7.20
CA ALA B 69 -10.32 -7.93 -6.87
C ALA B 69 -9.58 -7.58 -5.58
N PHE B 70 -8.78 -8.53 -5.11
CA PHE B 70 -7.94 -8.34 -3.93
C PHE B 70 -6.77 -9.30 -4.06
N ARG B 71 -5.62 -8.76 -4.46
CA ARG B 71 -4.40 -9.56 -4.60
C ARG B 71 -3.56 -9.39 -3.34
N TYR B 72 -3.13 -10.51 -2.76
CA TYR B 72 -2.31 -10.50 -1.56
C TYR B 72 -1.07 -11.39 -1.65
N GLY B 73 -1.02 -12.35 -2.57
CA GLY B 73 0.07 -13.30 -2.59
C GLY B 73 1.22 -12.87 -3.48
N ARG B 74 1.63 -11.62 -3.36
CA ARG B 74 2.77 -11.05 -4.10
C ARG B 74 2.51 -11.21 -5.60
N GLU B 75 3.58 -11.32 -6.39
CA GLU B 75 3.49 -11.55 -7.82
C GLU B 75 4.09 -12.90 -8.20
N ASP B 76 3.81 -13.92 -7.39
CA ASP B 76 4.36 -15.24 -7.62
C ASP B 76 3.67 -15.90 -8.81
N LEU B 77 4.26 -17.01 -9.26
CA LEU B 77 3.70 -17.77 -10.38
C LEU B 77 2.36 -18.39 -10.00
N ASP B 78 1.50 -18.55 -10.99
CA ASP B 78 0.18 -19.11 -10.77
C ASP B 78 0.28 -20.57 -10.35
N VAL B 79 -0.75 -21.02 -9.63
CA VAL B 79 -0.79 -22.38 -9.10
C VAL B 79 -1.87 -23.17 -9.83
N LEU B 80 -2.01 -24.44 -9.47
CA LEU B 80 -3.01 -25.29 -10.12
C LEU B 80 -4.42 -24.78 -9.86
N GLY B 81 -4.74 -24.43 -8.61
CA GLY B 81 -6.04 -23.89 -8.30
C GLY B 81 -6.06 -22.84 -7.21
N LEU B 82 -4.89 -22.41 -6.75
CA LEU B 82 -4.84 -21.43 -5.66
C LEU B 82 -5.18 -20.03 -6.17
N THR B 83 -4.40 -19.53 -7.13
CA THR B 83 -4.63 -18.27 -7.84
C THR B 83 -4.53 -17.04 -6.94
N PHE B 84 -4.26 -17.25 -5.65
CA PHE B 84 -3.89 -16.23 -4.64
C PHE B 84 -4.64 -14.90 -4.82
N ARG B 85 -5.95 -14.99 -5.01
CA ARG B 85 -6.80 -13.84 -5.29
C ARG B 85 -8.02 -13.89 -4.37
N LYS B 86 -8.81 -12.82 -4.41
CA LYS B 86 -10.04 -12.75 -3.64
C LYS B 86 -10.91 -11.66 -4.24
N ASP B 87 -12.21 -11.93 -4.35
CA ASP B 87 -13.18 -10.98 -4.90
C ASP B 87 -14.06 -10.45 -3.78
N LEU B 88 -14.22 -9.13 -3.73
CA LEU B 88 -15.08 -8.49 -2.74
C LEU B 88 -16.50 -8.27 -3.26
N PHE B 89 -16.62 -7.76 -4.47
CA PHE B 89 -17.92 -7.46 -5.06
C PHE B 89 -17.84 -7.70 -6.56
N VAL B 90 -18.68 -8.59 -7.07
CA VAL B 90 -18.70 -8.95 -8.48
C VAL B 90 -20.13 -8.82 -8.98
N ALA B 91 -20.35 -8.00 -10.01
CA ALA B 91 -21.66 -7.79 -10.59
C ALA B 91 -21.58 -7.98 -12.09
N ASN B 92 -22.36 -8.92 -12.60
CA ASN B 92 -22.45 -9.19 -14.03
C ASN B 92 -23.83 -8.81 -14.54
N VAL B 93 -23.90 -8.44 -15.82
CA VAL B 93 -25.18 -8.21 -16.49
C VAL B 93 -25.10 -8.78 -17.90
N GLN B 94 -26.26 -8.90 -18.52
CA GLN B 94 -26.37 -9.40 -19.89
C GLN B 94 -26.48 -8.21 -20.83
N SER B 95 -25.69 -8.23 -21.89
CA SER B 95 -25.73 -7.15 -22.87
C SER B 95 -26.28 -7.59 -24.22
N PHE B 96 -26.03 -8.82 -24.64
CA PHE B 96 -26.61 -9.37 -25.88
C PHE B 96 -27.44 -10.59 -25.53
N PRO B 97 -28.78 -10.47 -25.46
CA PRO B 97 -29.63 -9.29 -25.68
C PRO B 97 -29.57 -8.30 -24.52
N PRO B 98 -30.04 -7.06 -24.74
CA PRO B 98 -29.88 -5.98 -23.76
C PRO B 98 -30.85 -6.02 -22.59
N ALA B 99 -30.99 -7.21 -21.97
CA ALA B 99 -31.77 -7.44 -20.77
C ALA B 99 -33.20 -6.94 -20.90
N PRO B 100 -34.04 -7.60 -21.71
CA PRO B 100 -35.44 -7.17 -21.80
C PRO B 100 -36.22 -7.29 -20.51
N GLU B 101 -35.77 -8.13 -19.56
CA GLU B 101 -36.50 -8.31 -18.32
C GLU B 101 -36.34 -7.11 -17.39
N ASP B 102 -35.14 -6.54 -17.31
CA ASP B 102 -34.84 -5.46 -16.39
C ASP B 102 -34.61 -4.18 -17.18
N LYS B 103 -35.37 -3.13 -16.85
CA LYS B 103 -35.22 -1.85 -17.53
C LYS B 103 -33.89 -1.21 -17.16
N LYS B 104 -33.27 -0.55 -18.14
CA LYS B 104 -31.99 0.12 -17.94
C LYS B 104 -32.17 1.62 -18.00
N PRO B 105 -32.10 2.34 -16.88
CA PRO B 105 -32.21 3.81 -16.94
C PRO B 105 -30.94 4.44 -17.50
N LEU B 106 -30.81 4.39 -18.82
CA LEU B 106 -29.62 4.91 -19.49
C LEU B 106 -29.51 6.41 -19.34
N THR B 107 -28.29 6.89 -19.15
CA THR B 107 -28.03 8.32 -18.97
C THR B 107 -27.89 9.01 -20.32
N ARG B 108 -27.60 10.31 -20.27
CA ARG B 108 -27.41 11.08 -21.50
C ARG B 108 -26.17 10.62 -22.26
N LEU B 109 -25.11 10.26 -21.53
CA LEU B 109 -23.91 9.76 -22.18
C LEU B 109 -24.18 8.47 -22.95
N GLN B 110 -24.95 7.56 -22.35
CA GLN B 110 -25.30 6.32 -23.04
C GLN B 110 -26.16 6.60 -24.26
N GLU B 111 -27.10 7.56 -24.14
CA GLU B 111 -27.96 7.90 -25.27
C GLU B 111 -27.15 8.44 -26.44
N ARG B 112 -26.25 9.38 -26.16
CA ARG B 112 -25.38 9.90 -27.21
C ARG B 112 -24.47 8.82 -27.77
N LEU B 113 -24.05 7.88 -26.91
CA LEU B 113 -23.07 6.88 -27.34
C LEU B 113 -23.70 5.84 -28.27
N ILE B 114 -24.94 5.40 -27.99
CA ILE B 114 -25.56 4.50 -28.95
C ILE B 114 -26.25 5.25 -30.09
N LYS B 115 -26.42 6.57 -29.97
CA LYS B 115 -26.81 7.36 -31.14
C LYS B 115 -25.66 7.47 -32.11
N LYS B 116 -24.43 7.61 -31.60
CA LYS B 116 -23.25 7.65 -32.46
C LYS B 116 -23.05 6.32 -33.17
N LEU B 117 -23.22 5.21 -32.45
CA LEU B 117 -23.07 3.89 -33.04
C LEU B 117 -24.38 3.43 -33.67
N GLY B 118 -24.38 2.19 -34.15
CA GLY B 118 -25.57 1.63 -34.76
C GLY B 118 -26.52 1.03 -33.74
N GLU B 119 -27.59 0.42 -34.27
CA GLU B 119 -28.59 -0.21 -33.41
C GLU B 119 -28.11 -1.51 -32.79
N HIS B 120 -27.05 -2.11 -33.34
CA HIS B 120 -26.51 -3.35 -32.80
C HIS B 120 -25.67 -3.14 -31.55
N ALA B 121 -25.24 -1.90 -31.27
CA ALA B 121 -24.52 -1.63 -30.04
C ALA B 121 -25.45 -1.79 -28.84
N TYR B 122 -24.92 -2.38 -27.77
CA TYR B 122 -25.72 -2.72 -26.61
C TYR B 122 -25.13 -2.07 -25.36
N PRO B 123 -25.95 -1.49 -24.49
CA PRO B 123 -25.41 -0.77 -23.32
C PRO B 123 -25.23 -1.67 -22.11
N PHE B 124 -24.67 -1.10 -21.04
CA PHE B 124 -24.54 -1.79 -19.77
C PHE B 124 -24.40 -0.75 -18.67
N THR B 125 -24.71 -1.18 -17.45
CA THR B 125 -24.59 -0.30 -16.29
C THR B 125 -24.49 -1.14 -15.03
N PHE B 126 -23.75 -0.64 -14.05
CA PHE B 126 -23.63 -1.24 -12.73
C PHE B 126 -24.10 -0.24 -11.69
N GLU B 127 -23.91 -0.58 -10.42
CA GLU B 127 -24.25 0.33 -9.32
C GLU B 127 -23.37 -0.05 -8.14
N ILE B 128 -22.31 0.72 -7.92
CA ILE B 128 -21.42 0.47 -6.79
C ILE B 128 -22.18 0.76 -5.49
N PRO B 129 -22.16 -0.15 -4.51
CA PRO B 129 -22.70 0.20 -3.20
C PRO B 129 -21.72 1.07 -2.43
N PRO B 130 -22.22 1.86 -1.45
CA PRO B 130 -21.39 2.92 -0.85
C PRO B 130 -20.15 2.43 -0.10
N ASN B 131 -20.33 1.53 0.87
CA ASN B 131 -19.26 1.18 1.80
C ASN B 131 -18.36 0.11 1.17
N LEU B 132 -17.54 0.56 0.23
CA LEU B 132 -16.50 -0.24 -0.39
C LEU B 132 -15.19 0.52 -0.38
N PRO B 133 -14.06 -0.19 -0.34
CA PRO B 133 -12.77 0.49 -0.33
C PRO B 133 -12.48 1.18 -1.65
N SER B 134 -11.77 2.30 -1.57
CA SER B 134 -11.30 2.98 -2.76
C SER B 134 -10.18 2.16 -3.42
N SER B 135 -9.95 2.43 -4.69
CA SER B 135 -8.97 1.66 -5.46
C SER B 135 -7.57 2.04 -5.00
N VAL B 136 -6.98 1.19 -4.16
CA VAL B 136 -5.63 1.40 -3.64
C VAL B 136 -4.83 0.11 -3.83
N THR B 137 -3.64 0.24 -4.41
CA THR B 137 -2.77 -0.90 -4.69
C THR B 137 -1.52 -0.80 -3.83
N LEU B 138 -1.17 -1.91 -3.19
CA LEU B 138 0.05 -1.95 -2.38
C LEU B 138 1.27 -1.84 -3.28
N GLN B 139 2.35 -1.32 -2.70
CA GLN B 139 3.57 -1.13 -3.48
C GLN B 139 4.19 -2.48 -3.79
N PRO B 140 4.42 -2.82 -5.07
CA PRO B 140 5.00 -4.13 -5.40
C PRO B 140 6.38 -4.35 -4.80
N GLY B 141 7.21 -3.32 -4.70
CA GLY B 141 8.56 -3.49 -4.22
C GLY B 141 9.51 -3.89 -5.33
N PRO B 142 10.78 -4.07 -4.99
CA PRO B 142 11.78 -4.36 -6.03
C PRO B 142 11.70 -5.79 -6.58
N GLU B 143 11.56 -6.77 -5.68
CA GLU B 143 11.68 -8.16 -6.09
C GLU B 143 10.46 -8.63 -6.86
N ASP B 144 9.28 -8.15 -6.49
CA ASP B 144 8.05 -8.64 -7.11
C ASP B 144 7.97 -8.20 -8.57
N THR B 145 7.65 -9.14 -9.45
CA THR B 145 7.52 -8.89 -10.88
C THR B 145 6.20 -9.51 -11.34
N GLY B 146 5.24 -8.67 -11.70
CA GLY B 146 3.94 -9.13 -12.12
C GLY B 146 2.82 -8.25 -11.62
N LYS B 147 1.67 -8.84 -11.33
CA LYS B 147 0.53 -8.08 -10.83
C LYS B 147 0.82 -7.55 -9.43
N ALA B 148 0.30 -6.36 -9.13
CA ALA B 148 0.50 -5.74 -7.84
C ALA B 148 -0.60 -6.14 -6.87
N LEU B 149 -0.34 -5.93 -5.59
CA LEU B 149 -1.27 -6.32 -4.54
C LEU B 149 -2.38 -5.29 -4.41
N GLY B 150 -3.18 -5.39 -3.35
CA GLY B 150 -4.15 -4.37 -3.03
C GLY B 150 -5.44 -4.50 -3.81
N VAL B 151 -6.47 -3.82 -3.31
CA VAL B 151 -7.79 -3.85 -3.93
C VAL B 151 -7.73 -3.12 -5.26
N ASP B 152 -8.49 -3.62 -6.24
CA ASP B 152 -8.42 -3.09 -7.60
C ASP B 152 -9.76 -3.36 -8.27
N TYR B 153 -10.18 -2.42 -9.12
CA TYR B 153 -11.43 -2.55 -9.86
C TYR B 153 -11.12 -2.89 -11.31
N GLU B 154 -11.84 -3.86 -11.86
CA GLU B 154 -11.64 -4.25 -13.25
C GLU B 154 -12.98 -4.51 -13.91
N VAL B 155 -13.13 -4.03 -15.14
CA VAL B 155 -14.31 -4.30 -15.95
C VAL B 155 -13.88 -5.10 -17.17
N LYS B 156 -14.54 -6.23 -17.38
CA LYS B 156 -14.21 -7.13 -18.48
C LYS B 156 -15.49 -7.51 -19.20
N ALA B 157 -15.39 -7.64 -20.52
CA ALA B 157 -16.51 -8.05 -21.36
C ALA B 157 -16.14 -9.30 -22.13
N PHE B 158 -17.02 -10.30 -22.09
CA PHE B 158 -16.83 -11.53 -22.82
C PHE B 158 -18.17 -12.00 -23.35
N VAL B 159 -18.12 -12.89 -24.34
CA VAL B 159 -19.32 -13.49 -24.90
C VAL B 159 -19.31 -14.98 -24.57
N ALA B 160 -20.39 -15.46 -23.95
CA ALA B 160 -20.47 -16.84 -23.50
C ALA B 160 -21.94 -17.16 -23.22
N GLU B 161 -22.46 -18.21 -23.86
CA GLU B 161 -23.84 -18.61 -23.65
C GLU B 161 -24.08 -19.12 -22.22
N ASN B 162 -23.04 -19.59 -21.55
CA ASN B 162 -23.16 -20.11 -20.19
C ASN B 162 -22.41 -19.18 -19.23
N LEU B 163 -22.99 -18.99 -18.05
CA LEU B 163 -22.36 -18.13 -17.05
C LEU B 163 -21.09 -18.77 -16.49
N GLU B 164 -21.03 -20.10 -16.44
CA GLU B 164 -19.87 -20.80 -15.92
C GLU B 164 -18.91 -21.25 -17.00
N GLU B 165 -19.17 -20.89 -18.26
CA GLU B 165 -18.31 -21.29 -19.36
C GLU B 165 -16.96 -20.58 -19.26
N LYS B 166 -15.95 -21.18 -19.87
CA LYS B 166 -14.61 -20.60 -19.86
C LYS B 166 -14.57 -19.30 -20.64
N ILE B 167 -13.90 -18.31 -20.08
CA ILE B 167 -13.76 -17.00 -20.71
C ILE B 167 -12.41 -17.01 -21.43
N HIS B 168 -12.42 -17.36 -22.71
CA HIS B 168 -11.19 -17.42 -23.48
C HIS B 168 -10.67 -16.01 -23.73
N LYS B 169 -9.42 -15.77 -23.32
CA LYS B 169 -8.82 -14.45 -23.47
C LYS B 169 -8.67 -14.08 -24.94
N ARG B 170 -8.54 -15.08 -25.82
CA ARG B 170 -8.45 -14.81 -27.25
C ARG B 170 -9.74 -14.22 -27.81
N ASN B 171 -10.86 -14.39 -27.12
CA ASN B 171 -12.14 -13.86 -27.57
C ASN B 171 -12.84 -13.18 -26.38
N SER B 172 -12.09 -12.32 -25.69
CA SER B 172 -12.63 -11.56 -24.57
C SER B 172 -11.89 -10.23 -24.49
N VAL B 173 -12.12 -9.50 -23.40
CA VAL B 173 -11.52 -8.18 -23.21
C VAL B 173 -11.58 -7.84 -21.74
N ARG B 174 -10.73 -6.92 -21.31
CA ARG B 174 -10.76 -6.41 -19.95
C ARG B 174 -10.32 -4.95 -19.96
N LEU B 175 -10.72 -4.23 -18.93
CA LEU B 175 -10.46 -2.80 -18.83
C LEU B 175 -10.37 -2.45 -17.35
N VAL B 176 -9.47 -1.53 -17.01
CA VAL B 176 -9.15 -1.23 -15.63
C VAL B 176 -9.87 0.04 -15.20
N ILE B 177 -10.49 -0.01 -14.03
CA ILE B 177 -11.25 1.09 -13.45
C ILE B 177 -10.65 1.40 -12.09
N ARG B 178 -10.60 2.68 -11.73
CA ARG B 178 -10.26 3.07 -10.37
C ARG B 178 -11.39 3.91 -9.80
N LYS B 179 -11.71 3.68 -8.53
CA LYS B 179 -12.69 4.48 -7.80
C LYS B 179 -11.95 5.34 -6.78
N VAL B 180 -12.20 6.64 -6.83
CA VAL B 180 -11.44 7.60 -6.02
C VAL B 180 -12.41 8.45 -5.22
N GLN B 181 -11.93 8.95 -4.09
CA GLN B 181 -12.70 9.82 -3.22
C GLN B 181 -12.10 11.21 -3.21
N TYR B 182 -12.95 12.22 -3.14
CA TYR B 182 -12.53 13.61 -3.15
C TYR B 182 -12.89 14.28 -1.83
N ALA B 183 -11.99 15.11 -1.33
CA ALA B 183 -12.10 15.64 0.02
C ALA B 183 -13.31 16.57 0.15
N PRO B 184 -13.90 16.64 1.34
CA PRO B 184 -15.09 17.48 1.53
C PRO B 184 -14.76 18.96 1.38
N GLU B 185 -15.75 19.71 0.89
CA GLU B 185 -15.57 21.15 0.73
C GLU B 185 -15.48 21.84 2.09
N ARG B 186 -16.28 21.40 3.06
CA ARG B 186 -16.26 21.99 4.39
C ARG B 186 -15.28 21.21 5.26
N PRO B 187 -14.18 21.81 5.71
CA PRO B 187 -13.24 21.08 6.57
C PRO B 187 -13.84 20.81 7.94
N GLY B 188 -13.33 19.76 8.58
CA GLY B 188 -13.82 19.37 9.88
C GLY B 188 -13.23 20.22 10.99
N PRO B 189 -13.40 19.77 12.23
CA PRO B 189 -12.86 20.52 13.37
C PRO B 189 -11.34 20.47 13.39
N GLN B 190 -10.76 21.47 14.03
CA GLN B 190 -9.31 21.54 14.16
C GLN B 190 -8.82 20.38 15.03
N PRO B 191 -7.91 19.54 14.53
CA PRO B 191 -7.49 18.36 15.30
C PRO B 191 -6.51 18.74 16.41
N THR B 192 -6.99 18.70 17.65
CA THR B 192 -6.17 18.99 18.82
C THR B 192 -6.29 17.85 19.81
N ALA B 193 -5.16 17.52 20.46
CA ALA B 193 -5.15 16.46 21.45
C ALA B 193 -3.95 16.67 22.36
N GLU B 194 -4.19 16.83 23.66
CA GLU B 194 -3.15 17.05 24.64
C GLU B 194 -3.30 16.03 25.75
N THR B 195 -2.31 15.16 25.91
CA THR B 195 -2.31 14.16 26.97
C THR B 195 -1.22 14.50 27.98
N THR B 196 -1.28 13.83 29.13
CA THR B 196 -0.31 14.08 30.18
C THR B 196 -0.04 12.79 30.95
N ARG B 197 1.13 12.72 31.55
CA ARG B 197 1.56 11.55 32.31
C ARG B 197 2.79 11.92 33.12
N GLN B 198 2.95 11.28 34.28
CA GLN B 198 4.08 11.52 35.17
C GLN B 198 4.75 10.20 35.51
N PHE B 199 5.88 10.30 36.21
CA PHE B 199 6.60 9.13 36.70
C PHE B 199 6.32 8.93 38.18
N LEU B 200 6.87 7.85 38.73
CA LEU B 200 6.70 7.55 40.15
C LEU B 200 7.52 8.47 41.05
N MET B 201 8.44 9.25 40.49
CA MET B 201 9.24 10.16 41.31
C MET B 201 8.39 11.26 41.93
N SER B 202 7.50 11.87 41.14
CA SER B 202 6.67 12.96 41.63
C SER B 202 5.37 12.99 40.83
N ASP B 203 4.35 13.58 41.43
CA ASP B 203 3.04 13.70 40.80
C ASP B 203 2.90 15.08 40.13
N LYS B 204 3.78 15.33 39.17
CA LYS B 204 3.78 16.58 38.41
C LYS B 204 3.81 16.23 36.92
N PRO B 205 2.68 15.82 36.36
CA PRO B 205 2.67 15.42 34.95
C PRO B 205 2.84 16.61 34.02
N LEU B 206 3.35 16.33 32.82
CA LEU B 206 3.64 17.34 31.82
C LEU B 206 2.65 17.24 30.67
N HIS B 207 2.26 18.38 30.12
CA HIS B 207 1.23 18.45 29.10
C HIS B 207 1.85 18.66 27.72
N LEU B 208 1.38 17.89 26.74
CA LEU B 208 1.82 17.98 25.35
C LEU B 208 0.68 18.58 24.53
N GLU B 209 0.64 19.91 24.45
CA GLU B 209 -0.36 20.58 23.65
C GLU B 209 -0.03 20.40 22.17
N ALA B 210 -0.80 19.57 21.49
CA ALA B 210 -0.55 19.24 20.09
C ALA B 210 -1.81 19.53 19.27
N SER B 211 -1.63 20.25 18.17
CA SER B 211 -2.75 20.64 17.32
C SER B 211 -2.27 20.83 15.90
N LEU B 212 -3.21 20.88 14.97
CA LEU B 212 -2.94 21.02 13.54
C LEU B 212 -3.50 22.33 13.03
N ASP B 213 -3.36 22.55 11.72
CA ASP B 213 -3.90 23.73 11.08
C ASP B 213 -5.34 23.50 10.61
N LYS B 214 -5.56 22.47 9.80
CA LYS B 214 -6.89 22.12 9.34
C LYS B 214 -7.13 20.63 9.52
N GLU B 215 -8.25 20.14 9.01
CA GLU B 215 -8.54 18.71 9.06
C GLU B 215 -8.31 18.01 7.73
N ILE B 216 -8.48 18.72 6.62
CA ILE B 216 -8.29 18.17 5.29
C ILE B 216 -7.05 18.81 4.68
N TYR B 217 -6.13 17.97 4.21
CA TYR B 217 -4.91 18.43 3.56
C TYR B 217 -4.80 17.80 2.19
N TYR B 218 -4.10 18.49 1.30
CA TYR B 218 -3.98 18.07 -0.09
C TYR B 218 -2.67 17.34 -0.31
N HIS B 219 -2.64 16.55 -1.38
CA HIS B 219 -1.49 15.70 -1.67
C HIS B 219 -0.29 16.56 -2.04
N GLY B 220 0.66 16.65 -1.13
CA GLY B 220 1.78 17.56 -1.26
C GLY B 220 1.65 18.82 -0.43
N GLU B 221 0.47 19.10 0.12
CA GLU B 221 0.32 20.26 0.97
C GLU B 221 1.12 20.07 2.26
N PRO B 222 1.83 21.09 2.73
CA PRO B 222 2.70 20.93 3.89
C PRO B 222 1.88 20.76 5.17
N ILE B 223 2.06 19.62 5.82
CA ILE B 223 1.47 19.41 7.13
C ILE B 223 2.18 20.30 8.13
N SER B 224 1.42 21.09 8.88
CA SER B 224 1.97 22.03 9.85
C SER B 224 1.49 21.61 11.24
N VAL B 225 2.32 20.85 11.93
CA VAL B 225 1.97 20.39 13.28
C VAL B 225 2.32 21.49 14.28
N ASN B 226 1.35 21.86 15.10
CA ASN B 226 1.55 22.83 16.16
C ASN B 226 1.72 22.07 17.47
N VAL B 227 2.85 22.32 18.15
CA VAL B 227 3.17 21.61 19.38
C VAL B 227 3.52 22.64 20.45
N HIS B 228 3.30 22.27 21.71
CA HIS B 228 3.61 23.13 22.84
C HIS B 228 3.88 22.24 24.05
N VAL B 229 5.06 22.36 24.63
CA VAL B 229 5.46 21.52 25.75
C VAL B 229 5.40 22.35 27.03
N THR B 230 5.16 21.66 28.14
CA THR B 230 5.17 22.27 29.48
C THR B 230 5.92 21.29 30.39
N ASN B 231 7.24 21.47 30.48
CA ASN B 231 8.10 20.54 31.21
C ASN B 231 8.15 20.93 32.69
N ASN B 232 7.00 20.82 33.35
CA ASN B 232 6.94 21.07 34.78
C ASN B 232 7.68 20.01 35.57
N THR B 233 7.71 18.78 35.06
CA THR B 233 8.42 17.68 35.72
C THR B 233 9.92 17.96 35.74
N ASN B 234 10.56 17.60 36.85
CA ASN B 234 12.00 17.79 37.00
C ASN B 234 12.76 16.78 36.13
N LYS B 235 12.67 16.95 34.81
CA LYS B 235 13.30 16.04 33.87
C LYS B 235 13.53 16.80 32.56
N THR B 236 14.34 16.20 31.70
CA THR B 236 14.69 16.80 30.42
C THR B 236 14.10 15.99 29.27
N VAL B 237 14.00 16.64 28.12
CA VAL B 237 13.47 16.03 26.90
C VAL B 237 14.60 16.02 25.88
N LYS B 238 15.12 14.82 25.60
CA LYS B 238 16.27 14.72 24.69
C LYS B 238 15.85 15.00 23.25
N LYS B 239 14.74 14.40 22.80
CA LYS B 239 14.28 14.55 21.43
C LYS B 239 12.77 14.56 21.41
N ILE B 240 12.22 15.11 20.33
CA ILE B 240 10.78 15.11 20.09
C ILE B 240 10.54 14.37 18.77
N LYS B 241 9.77 13.29 18.84
CA LYS B 241 9.50 12.47 17.66
C LYS B 241 8.22 12.97 17.00
N ILE B 242 8.38 13.61 15.85
CA ILE B 242 7.26 14.02 15.01
C ILE B 242 7.22 13.12 13.79
N SER B 243 6.10 12.43 13.60
CA SER B 243 5.96 11.50 12.49
C SER B 243 4.53 11.54 12.01
N VAL B 244 4.36 11.64 10.70
CA VAL B 244 3.07 11.44 10.05
C VAL B 244 3.06 10.03 9.48
N ARG B 245 2.18 9.19 10.03
CA ARG B 245 2.14 7.78 9.68
C ARG B 245 0.88 7.47 8.91
N GLN B 246 0.87 6.30 8.28
CA GLN B 246 -0.26 5.85 7.47
C GLN B 246 -0.73 4.52 8.02
N TYR B 247 -1.90 4.52 8.65
CA TYR B 247 -2.47 3.31 9.24
C TYR B 247 -3.38 2.67 8.21
N ALA B 248 -2.93 1.56 7.63
CA ALA B 248 -3.67 0.84 6.59
C ALA B 248 -4.33 -0.38 7.21
N ASP B 249 -5.59 -0.25 7.57
CA ASP B 249 -6.34 -1.34 8.20
C ASP B 249 -6.74 -2.34 7.13
N ILE B 250 -5.86 -3.32 6.89
CA ILE B 250 -6.10 -4.34 5.88
C ILE B 250 -7.08 -5.35 6.48
N VAL B 251 -8.37 -5.20 6.12
CA VAL B 251 -9.40 -6.04 6.71
C VAL B 251 -10.00 -6.96 5.65
N LEU B 252 -9.47 -8.19 5.55
CA LEU B 252 -10.07 -9.20 4.69
C LEU B 252 -10.55 -10.40 5.50
N PHE B 253 -9.66 -11.01 6.29
CA PHE B 253 -10.02 -12.05 7.23
C PHE B 253 -9.68 -11.68 8.66
N ASN B 254 -9.06 -10.52 8.87
CA ASN B 254 -8.51 -10.11 10.14
C ASN B 254 -8.53 -8.59 10.23
N THR B 255 -7.75 -8.01 11.15
CA THR B 255 -7.68 -6.56 11.27
C THR B 255 -6.23 -6.12 11.37
N ALA B 256 -5.39 -6.60 10.45
CA ALA B 256 -3.96 -6.31 10.52
C ALA B 256 -3.67 -4.86 10.19
N GLN B 257 -3.86 -3.98 11.18
CA GLN B 257 -3.59 -2.56 11.01
C GLN B 257 -2.08 -2.35 10.93
N TYR B 258 -1.62 -1.85 9.79
CA TYR B 258 -0.21 -1.54 9.64
C TYR B 258 0.08 -0.16 10.24
N LYS B 259 1.35 0.09 10.51
CA LYS B 259 1.80 1.34 11.11
C LYS B 259 3.03 1.86 10.38
N VAL B 260 2.98 1.86 9.05
CA VAL B 260 4.11 2.35 8.25
C VAL B 260 4.19 3.87 8.34
N PRO B 261 5.33 4.42 8.75
CA PRO B 261 5.48 5.88 8.82
C PRO B 261 5.86 6.45 7.46
N VAL B 262 4.96 7.25 6.89
CA VAL B 262 5.22 7.83 5.57
C VAL B 262 6.31 8.88 5.64
N ALA B 263 6.25 9.76 6.64
CA ALA B 263 7.30 10.74 6.83
C ALA B 263 7.47 11.01 8.31
N MET B 264 8.70 11.32 8.71
CA MET B 264 9.02 11.54 10.12
C MET B 264 10.16 12.53 10.22
N GLU B 265 10.27 13.14 11.39
CA GLU B 265 11.34 14.09 11.65
C GLU B 265 11.66 14.08 13.14
N GLU B 266 12.85 14.57 13.48
CA GLU B 266 13.33 14.59 14.85
C GLU B 266 13.63 16.02 15.26
N ALA B 267 13.18 16.39 16.45
CA ALA B 267 13.37 17.74 16.97
C ALA B 267 14.28 17.66 18.20
N ASP B 268 15.49 18.20 18.07
CA ASP B 268 16.44 18.24 19.18
C ASP B 268 16.31 19.55 19.97
N ASP B 269 15.09 19.87 20.38
CA ASP B 269 14.80 21.09 21.14
C ASP B 269 14.58 20.69 22.59
N THR B 270 15.68 20.59 23.34
CA THR B 270 15.59 20.22 24.74
C THR B 270 14.92 21.32 25.55
N VAL B 271 14.12 20.92 26.53
CA VAL B 271 13.40 21.85 27.40
C VAL B 271 13.79 21.57 28.84
N ALA B 272 14.13 22.62 29.57
CA ALA B 272 14.52 22.50 30.97
C ALA B 272 13.29 22.19 31.82
N PRO B 273 13.48 21.63 33.01
CA PRO B 273 12.37 21.49 33.95
C PRO B 273 11.78 22.83 34.33
N SER B 274 10.47 22.84 34.60
CA SER B 274 9.71 24.04 34.91
C SER B 274 9.84 25.09 33.81
N SER B 275 9.73 24.64 32.56
CA SER B 275 9.85 25.51 31.40
C SER B 275 8.82 25.10 30.37
N THR B 276 8.50 26.04 29.48
CA THR B 276 7.56 25.81 28.39
C THR B 276 8.21 26.24 27.08
N PHE B 277 7.79 25.58 26.00
CA PHE B 277 8.38 25.83 24.68
C PHE B 277 7.38 25.40 23.62
N SER B 278 7.30 26.16 22.53
CA SER B 278 6.34 25.87 21.48
C SER B 278 6.80 26.47 20.17
N LYS B 279 6.77 25.66 19.11
CA LYS B 279 6.99 26.14 17.76
C LYS B 279 6.39 25.13 16.78
N VAL B 280 5.95 25.63 15.64
CA VAL B 280 5.23 24.82 14.65
C VAL B 280 6.24 24.15 13.73
N TYR B 281 6.11 22.83 13.58
CA TYR B 281 6.95 22.07 12.67
C TYR B 281 6.19 21.79 11.39
N THR B 282 6.92 21.62 10.29
CA THR B 282 6.30 21.37 9.00
C THR B 282 6.71 20.00 8.45
N LEU B 283 5.73 19.26 7.96
CA LEU B 283 5.91 17.94 7.37
C LEU B 283 5.29 17.90 5.99
N THR B 284 5.82 17.03 5.14
CA THR B 284 5.29 16.82 3.80
C THR B 284 5.34 15.34 3.46
N PRO B 285 4.19 14.66 3.35
CA PRO B 285 4.19 13.27 2.90
C PRO B 285 4.40 13.19 1.39
N PHE B 286 5.34 12.35 0.97
CA PHE B 286 5.64 12.21 -0.45
C PHE B 286 6.31 10.87 -0.69
N LEU B 287 6.37 10.47 -1.96
CA LEU B 287 6.75 9.13 -2.35
C LEU B 287 8.15 9.02 -2.95
N ALA B 288 8.87 10.14 -3.08
CA ALA B 288 10.16 10.09 -3.75
C ALA B 288 11.17 9.24 -2.98
N ASN B 289 11.22 9.39 -1.65
CA ASN B 289 12.15 8.62 -0.84
C ASN B 289 11.54 7.36 -0.25
N ASN B 290 10.23 7.14 -0.42
CA ASN B 290 9.57 5.97 0.14
C ASN B 290 9.28 4.92 -0.91
N ARG B 291 10.08 4.86 -1.98
CA ARG B 291 9.86 3.86 -3.02
C ARG B 291 10.17 2.45 -2.51
N GLU B 292 11.32 2.29 -1.85
CA GLU B 292 11.79 0.97 -1.47
C GLU B 292 10.98 0.38 -0.32
N LYS B 293 10.26 1.21 0.44
CA LYS B 293 9.50 0.72 1.58
C LYS B 293 8.31 -0.08 1.09
N ARG B 294 8.41 -1.41 1.20
CA ARG B 294 7.31 -2.27 0.83
C ARG B 294 6.15 -2.12 1.81
N GLY B 295 4.96 -2.50 1.35
CA GLY B 295 3.78 -2.39 2.17
C GLY B 295 3.15 -1.00 2.21
N LEU B 296 3.71 -0.04 1.48
CA LEU B 296 3.09 1.26 1.36
C LEU B 296 1.89 1.17 0.45
N ALA B 297 0.85 1.96 0.75
CA ALA B 297 -0.39 1.91 -0.01
C ALA B 297 -0.40 3.05 -1.03
N LEU B 298 -0.54 2.69 -2.30
CA LEU B 298 -0.55 3.65 -3.40
C LEU B 298 -1.96 3.75 -3.97
N ASP B 299 -2.42 4.98 -4.16
CA ASP B 299 -3.80 5.24 -4.60
C ASP B 299 -3.87 4.95 -6.09
N GLY B 300 -4.38 3.76 -6.43
CA GLY B 300 -4.75 3.48 -7.80
C GLY B 300 -3.61 3.17 -8.73
N LYS B 301 -3.79 2.19 -9.61
CA LYS B 301 -2.85 1.90 -10.68
C LYS B 301 -3.64 1.40 -11.88
N LEU B 302 -3.31 1.91 -13.07
CA LEU B 302 -3.99 1.40 -14.26
C LEU B 302 -3.35 0.09 -14.71
N LYS B 303 -2.09 0.15 -15.17
CA LYS B 303 -1.30 -1.07 -15.33
C LYS B 303 -0.04 -1.03 -14.46
N HIS B 304 0.84 -0.04 -14.65
CA HIS B 304 1.99 0.11 -13.76
C HIS B 304 2.36 1.57 -13.53
N GLU B 305 1.56 2.53 -13.98
CA GLU B 305 1.92 3.94 -13.88
C GLU B 305 2.03 4.38 -12.43
N ASP B 306 3.02 5.22 -12.15
CA ASP B 306 3.25 5.68 -10.79
C ASP B 306 2.12 6.59 -10.33
N THR B 307 1.77 6.48 -9.06
CA THR B 307 0.74 7.32 -8.45
C THR B 307 1.23 7.75 -7.07
N ASN B 308 0.35 8.44 -6.34
CA ASN B 308 0.69 9.02 -5.05
C ASN B 308 0.58 7.99 -3.94
N LEU B 309 0.71 8.43 -2.70
CA LEU B 309 0.29 7.64 -1.56
C LEU B 309 -1.22 7.54 -1.56
N ALA B 310 -1.73 6.57 -0.80
CA ALA B 310 -3.16 6.36 -0.75
C ALA B 310 -3.84 7.55 -0.08
N SER B 311 -4.78 8.17 -0.79
CA SER B 311 -5.60 9.19 -0.16
C SER B 311 -6.46 8.56 0.92
N SER B 312 -6.60 9.28 2.04
CA SER B 312 -7.34 8.73 3.17
C SER B 312 -8.80 8.50 2.80
N THR B 313 -9.32 7.33 3.16
CA THR B 313 -10.68 6.97 2.80
C THR B 313 -11.67 7.59 3.77
N LEU B 314 -12.67 8.27 3.23
CA LEU B 314 -13.75 8.83 4.02
C LEU B 314 -14.70 7.72 4.43
N LEU B 315 -15.07 7.70 5.71
CA LEU B 315 -16.01 6.75 6.24
C LEU B 315 -17.12 7.49 6.96
N ARG B 316 -18.34 6.96 6.85
CA ARG B 316 -19.51 7.56 7.49
C ARG B 316 -19.86 6.75 8.73
N GLU B 317 -19.96 7.43 9.87
CA GLU B 317 -20.34 6.77 11.11
C GLU B 317 -21.78 6.30 11.05
N GLY B 318 -22.08 5.27 11.85
CA GLY B 318 -23.39 4.65 11.84
C GLY B 318 -23.48 3.39 11.01
N ALA B 319 -22.52 3.15 10.13
CA ALA B 319 -22.45 1.93 9.33
C ALA B 319 -21.35 1.03 9.87
N ASN B 320 -21.35 -0.21 9.39
CA ASN B 320 -20.35 -1.18 9.83
C ASN B 320 -19.00 -0.85 9.19
N ARG B 321 -17.98 -0.75 10.03
CA ARG B 321 -16.62 -0.48 9.57
C ARG B 321 -15.79 -1.74 9.38
N GLU B 322 -16.38 -2.91 9.56
CA GLU B 322 -15.67 -4.18 9.48
C GLU B 322 -16.05 -5.00 8.26
N ILE B 323 -16.58 -4.35 7.22
CA ILE B 323 -16.98 -5.02 6.00
C ILE B 323 -16.24 -4.44 4.78
N LEU B 324 -15.09 -3.84 5.00
CA LEU B 324 -14.36 -3.12 3.97
C LEU B 324 -12.98 -3.75 3.80
N GLY B 325 -12.52 -3.81 2.55
CA GLY B 325 -11.28 -4.48 2.21
C GLY B 325 -10.03 -3.83 2.77
N ILE B 326 -9.69 -2.65 2.27
CA ILE B 326 -8.51 -1.91 2.74
C ILE B 326 -8.93 -0.49 3.06
N ILE B 327 -8.61 -0.04 4.26
CA ILE B 327 -8.92 1.31 4.71
C ILE B 327 -7.62 2.00 5.08
N VAL B 328 -7.36 3.15 4.48
CA VAL B 328 -6.15 3.93 4.73
C VAL B 328 -6.56 5.19 5.47
N SER B 329 -6.00 5.38 6.67
CA SER B 329 -6.25 6.56 7.47
C SER B 329 -4.94 7.10 7.97
N TYR B 330 -4.82 8.43 7.98
CA TYR B 330 -3.61 9.11 8.41
C TYR B 330 -3.83 9.76 9.76
N LYS B 331 -2.91 9.53 10.69
CA LYS B 331 -2.90 10.24 11.96
C LYS B 331 -1.47 10.60 12.29
N VAL B 332 -1.17 11.89 12.34
CA VAL B 332 0.18 12.32 12.69
C VAL B 332 0.39 12.12 14.18
N LYS B 333 1.46 11.43 14.54
CA LYS B 333 1.77 11.09 15.92
C LYS B 333 2.92 11.92 16.41
N VAL B 334 2.74 12.57 17.56
CA VAL B 334 3.78 13.36 18.21
C VAL B 334 4.24 12.63 19.46
N LYS B 335 5.56 12.45 19.57
CA LYS B 335 6.18 11.80 20.71
C LYS B 335 7.31 12.67 21.23
N LEU B 336 7.57 12.55 22.53
CA LEU B 336 8.74 13.14 23.15
C LEU B 336 9.42 12.07 24.00
N VAL B 337 10.74 12.03 23.96
CA VAL B 337 11.53 11.04 24.70
C VAL B 337 12.30 11.74 25.80
N VAL B 338 12.27 11.15 26.99
CA VAL B 338 12.91 11.72 28.17
C VAL B 338 13.95 10.75 28.70
N SER B 339 14.61 11.13 29.78
CA SER B 339 15.65 10.31 30.39
C SER B 339 15.30 10.02 31.85
N ARG B 340 15.66 8.83 32.30
CA ARG B 340 15.41 8.38 33.66
C ARG B 340 16.68 8.40 34.51
N GLY B 341 17.55 9.39 34.28
CA GLY B 341 18.76 9.49 35.06
C GLY B 341 18.51 9.95 36.49
N GLY B 342 19.45 9.59 37.36
CA GLY B 342 19.34 9.94 38.76
C GLY B 342 20.19 9.06 39.66
N LEU B 343 19.60 8.61 40.77
CA LEU B 343 20.34 7.75 41.70
C LEU B 343 20.69 6.41 41.07
N LEU B 344 19.75 5.83 40.31
CA LEU B 344 19.98 4.56 39.63
C LEU B 344 19.23 4.61 38.30
N GLY B 345 19.94 4.99 37.24
CA GLY B 345 19.33 5.09 35.93
C GLY B 345 20.38 5.41 34.89
N ASP B 346 19.93 5.40 33.63
CA ASP B 346 20.80 5.67 32.50
C ASP B 346 20.03 6.51 31.49
N LEU B 347 20.58 6.63 30.28
CA LEU B 347 19.93 7.42 29.24
C LEU B 347 18.65 6.75 28.73
N ALA B 348 18.56 5.43 28.84
CA ALA B 348 17.37 4.72 28.38
C ALA B 348 16.20 4.99 29.32
N SER B 349 15.05 5.31 28.73
CA SER B 349 13.84 5.62 29.50
C SER B 349 12.64 5.36 28.59
N SER B 350 11.47 5.83 29.03
CA SER B 350 10.21 5.62 28.32
C SER B 350 9.73 6.95 27.72
N ASP B 351 8.61 6.87 27.01
CA ASP B 351 8.04 8.02 26.32
C ASP B 351 6.53 7.87 26.25
N VAL B 352 5.84 8.99 26.06
CA VAL B 352 4.39 9.04 25.99
C VAL B 352 3.98 9.63 24.65
N ALA B 353 2.96 9.04 24.04
CA ALA B 353 2.51 9.42 22.70
C ALA B 353 1.07 9.88 22.74
N VAL B 354 0.79 10.98 22.03
CA VAL B 354 -0.56 11.46 21.79
C VAL B 354 -0.75 11.65 20.29
N GLU B 355 -1.88 11.17 19.77
CA GLU B 355 -2.11 11.10 18.34
C GLU B 355 -2.93 12.30 17.86
N LEU B 356 -2.92 12.51 16.55
CA LEU B 356 -3.64 13.62 15.93
C LEU B 356 -4.13 13.16 14.57
N PRO B 357 -5.42 12.82 14.45
CA PRO B 357 -5.95 12.42 13.15
C PRO B 357 -6.02 13.59 12.18
N PHE B 358 -5.86 13.28 10.90
CA PHE B 358 -6.06 14.26 9.84
C PHE B 358 -6.37 13.52 8.55
N THR B 359 -6.94 14.25 7.59
CA THR B 359 -7.42 13.69 6.34
C THR B 359 -6.57 14.26 5.20
N LEU B 360 -5.98 13.37 4.41
CA LEU B 360 -5.11 13.75 3.29
C LEU B 360 -5.71 13.16 2.02
N MET B 361 -6.41 13.99 1.24
CA MET B 361 -7.01 13.55 -0.02
C MET B 361 -6.90 14.65 -1.05
N HIS B 362 -7.27 14.31 -2.28
CA HIS B 362 -7.24 15.22 -3.40
C HIS B 362 -8.38 16.23 -3.30
N PRO B 363 -8.29 17.34 -4.03
CA PRO B 363 -9.45 18.24 -4.14
C PRO B 363 -10.55 17.65 -5.01
N LYS B 364 -11.61 18.42 -5.27
CA LYS B 364 -12.75 17.98 -6.05
C LYS B 364 -12.93 18.93 -7.23
N PRO B 365 -12.21 18.69 -8.34
CA PRO B 365 -12.30 19.54 -9.53
C PRO B 365 -13.47 19.15 -10.42
N VAL C 22 2.69 33.93 -5.31
CA VAL C 22 1.84 33.12 -6.18
C VAL C 22 2.50 33.11 -7.57
N GLN C 23 3.60 33.87 -7.70
CA GLN C 23 4.37 33.90 -8.93
C GLN C 23 5.54 32.92 -8.80
N LEU C 24 6.43 32.95 -9.79
CA LEU C 24 7.67 32.19 -9.75
C LEU C 24 8.77 33.06 -10.31
N VAL C 25 9.98 32.89 -9.78
CA VAL C 25 11.14 33.66 -10.22
C VAL C 25 12.07 32.74 -10.99
N GLU C 26 12.88 33.34 -11.86
CA GLU C 26 13.82 32.60 -12.69
C GLU C 26 15.05 33.45 -12.91
N SER C 27 16.23 32.87 -12.69
CA SER C 27 17.47 33.61 -12.83
C SER C 27 18.58 32.64 -13.22
N GLY C 28 19.81 33.12 -13.20
CA GLY C 28 20.97 32.32 -13.52
C GLY C 28 21.43 32.41 -14.95
N GLY C 29 20.57 32.85 -15.86
CA GLY C 29 20.97 32.96 -17.26
C GLY C 29 21.87 34.15 -17.53
N GLY C 30 22.60 34.06 -18.63
CA GLY C 30 23.50 35.12 -19.01
C GLY C 30 24.42 34.67 -20.14
N LEU C 31 25.40 35.51 -20.43
CA LEU C 31 26.37 35.21 -21.47
C LEU C 31 27.33 34.14 -20.99
N VAL C 32 27.40 33.03 -21.73
CA VAL C 32 28.28 31.91 -21.40
C VAL C 32 28.99 31.48 -22.68
N GLN C 33 30.31 31.32 -22.59
CA GLN C 33 31.09 30.91 -23.74
C GLN C 33 30.79 29.47 -24.11
N PRO C 34 31.07 29.06 -25.34
CA PRO C 34 30.78 27.69 -25.77
C PRO C 34 31.52 26.66 -24.92
N GLY C 35 30.83 25.57 -24.62
CA GLY C 35 31.40 24.53 -23.78
C GLY C 35 31.38 24.83 -22.29
N GLY C 36 30.78 25.94 -21.88
CA GLY C 36 30.77 26.34 -20.48
C GLY C 36 29.64 25.72 -19.70
N SER C 37 29.49 26.18 -18.46
CA SER C 37 28.46 25.72 -17.56
C SER C 37 27.68 26.91 -17.02
N LEU C 38 26.45 26.65 -16.59
CA LEU C 38 25.56 27.70 -16.11
C LEU C 38 24.55 27.08 -15.16
N ARG C 39 24.46 27.62 -13.95
CA ARG C 39 23.54 27.15 -12.93
C ARG C 39 22.36 28.11 -12.86
N LEU C 40 21.36 27.87 -13.69
CA LEU C 40 20.18 28.74 -13.74
C LEU C 40 19.27 28.42 -12.56
N SER C 41 18.98 29.44 -11.75
CA SER C 41 18.17 29.27 -10.56
C SER C 41 16.72 29.67 -10.85
N CYS C 42 15.79 28.80 -10.46
CA CYS C 42 14.36 29.06 -10.63
C CYS C 42 13.65 28.66 -9.36
N ALA C 43 12.90 29.59 -8.76
CA ALA C 43 12.21 29.37 -7.51
C ALA C 43 10.77 29.84 -7.61
N ALA C 44 9.89 29.15 -6.90
CA ALA C 44 8.47 29.48 -6.84
C ALA C 44 8.11 29.89 -5.42
N SER C 45 7.36 30.98 -5.31
CA SER C 45 6.93 31.50 -4.01
C SER C 45 5.47 31.13 -3.78
N GLY C 46 5.20 30.51 -2.63
CA GLY C 46 3.85 30.11 -2.30
C GLY C 46 3.41 28.79 -2.89
N PHE C 47 4.31 28.02 -3.47
CA PHE C 47 3.99 26.74 -4.08
C PHE C 47 4.76 25.63 -3.37
N ASN C 48 4.03 24.68 -2.81
CA ASN C 48 4.67 23.47 -2.30
C ASN C 48 5.30 22.70 -3.44
N VAL C 49 6.56 22.28 -3.25
CA VAL C 49 7.26 21.57 -4.31
C VAL C 49 6.65 20.20 -4.55
N TYR C 50 6.15 19.55 -3.49
CA TYR C 50 5.57 18.22 -3.61
C TYR C 50 4.16 18.24 -4.18
N SER C 51 3.71 19.38 -4.70
CA SER C 51 2.45 19.45 -5.42
C SER C 51 2.58 20.24 -6.71
N SER C 52 3.80 20.60 -7.12
CA SER C 52 4.03 21.38 -8.32
C SER C 52 5.32 20.90 -8.97
N SER C 53 5.25 20.54 -10.23
CA SER C 53 6.44 20.16 -10.98
C SER C 53 7.05 21.39 -11.66
N ILE C 54 8.34 21.30 -11.96
CA ILE C 54 9.08 22.40 -12.56
C ILE C 54 9.55 21.95 -13.94
N HIS C 55 9.22 22.74 -14.97
CA HIS C 55 9.53 22.39 -16.34
C HIS C 55 10.29 23.52 -17.02
N TRP C 56 11.11 23.15 -18.00
CA TRP C 56 12.05 24.04 -18.66
C TRP C 56 11.88 23.91 -20.16
N VAL C 57 11.64 25.03 -20.84
CA VAL C 57 11.40 25.05 -22.27
C VAL C 57 12.33 26.07 -22.91
N ARG C 58 13.03 25.66 -23.96
CA ARG C 58 13.94 26.53 -24.69
C ARG C 58 13.20 27.26 -25.80
N GLN C 59 13.85 28.31 -26.33
CA GLN C 59 13.30 29.06 -27.44
C GLN C 59 14.43 29.78 -28.16
N ALA C 60 14.66 29.42 -29.41
CA ALA C 60 15.71 30.03 -30.21
C ALA C 60 15.27 31.42 -30.67
N PRO C 61 16.13 32.13 -31.41
CA PRO C 61 15.76 33.47 -31.88
C PRO C 61 14.80 33.40 -33.05
N GLY C 62 13.56 33.81 -32.81
CA GLY C 62 12.55 33.80 -33.85
C GLY C 62 12.19 32.42 -34.36
N LYS C 63 11.98 31.47 -33.45
CA LYS C 63 11.67 30.10 -33.82
C LYS C 63 10.60 29.58 -32.86
N GLY C 64 10.41 28.26 -32.86
CA GLY C 64 9.45 27.64 -31.98
C GLY C 64 10.04 27.29 -30.62
N LEU C 65 9.14 26.98 -29.69
CA LEU C 65 9.56 26.54 -28.36
C LEU C 65 10.16 25.13 -28.44
N GLU C 66 10.90 24.77 -27.40
CA GLU C 66 11.54 23.46 -27.35
C GLU C 66 11.72 23.05 -25.90
N TRP C 67 11.07 21.96 -25.51
CA TRP C 67 11.19 21.46 -24.15
C TRP C 67 12.49 20.69 -23.98
N VAL C 68 13.24 21.00 -22.92
CA VAL C 68 14.58 20.48 -22.71
C VAL C 68 14.64 19.47 -21.57
N ALA C 69 13.91 19.73 -20.48
CA ALA C 69 13.88 18.82 -19.34
C ALA C 69 12.76 19.25 -18.41
N SER C 70 12.44 18.36 -17.46
CA SER C 70 11.45 18.64 -16.44
C SER C 70 11.72 17.74 -15.25
N ILE C 71 11.34 18.21 -14.07
CA ILE C 71 11.56 17.47 -12.82
C ILE C 71 10.29 17.53 -11.98
N SER C 72 9.81 16.36 -11.57
CA SER C 72 8.73 16.24 -10.61
C SER C 72 9.31 15.71 -9.31
N SER C 73 9.18 16.50 -8.24
CA SER C 73 9.78 16.12 -6.97
C SER C 73 9.00 15.05 -6.23
N TYR C 74 7.75 14.80 -6.62
CA TYR C 74 6.94 13.83 -5.89
C TYR C 74 7.44 12.42 -6.14
N TYR C 75 7.70 12.07 -7.40
CA TYR C 75 8.17 10.73 -7.73
C TYR C 75 9.68 10.63 -7.82
N GLY C 76 10.40 11.76 -7.78
CA GLY C 76 11.83 11.72 -7.96
C GLY C 76 12.26 11.37 -9.37
N TYR C 77 11.43 11.63 -10.36
CA TYR C 77 11.71 11.25 -11.73
C TYR C 77 12.37 12.40 -12.47
N THR C 78 13.28 12.05 -13.38
CA THR C 78 14.01 13.02 -14.19
C THR C 78 13.78 12.69 -15.66
N TYR C 79 12.94 13.47 -16.34
CA TYR C 79 12.67 13.29 -17.75
C TYR C 79 13.56 14.22 -18.57
N TYR C 80 14.14 13.68 -19.64
CA TYR C 80 15.09 14.39 -20.48
C TYR C 80 14.54 14.52 -21.89
N ALA C 81 14.99 15.55 -22.59
CA ALA C 81 14.67 15.67 -24.00
C ALA C 81 15.65 14.84 -24.83
N ASP C 82 15.25 14.54 -26.06
CA ASP C 82 16.07 13.71 -26.93
C ASP C 82 17.40 14.39 -27.25
N SER C 83 17.38 15.70 -27.47
CA SER C 83 18.59 16.41 -27.89
C SER C 83 19.61 16.55 -26.77
N VAL C 84 19.15 16.76 -25.53
CA VAL C 84 20.07 17.04 -24.42
C VAL C 84 19.89 15.94 -23.37
N LYS C 85 19.67 14.71 -23.83
CA LYS C 85 19.47 13.58 -22.92
C LYS C 85 20.75 13.31 -22.15
N GLY C 86 20.75 13.63 -20.86
CA GLY C 86 21.86 13.35 -19.99
C GLY C 86 23.00 14.36 -20.03
N ARG C 87 22.93 15.35 -20.91
CA ARG C 87 23.97 16.36 -21.02
C ARG C 87 23.67 17.63 -20.24
N PHE C 88 22.55 17.66 -19.51
CA PHE C 88 22.12 18.85 -18.78
C PHE C 88 21.91 18.45 -17.32
N THR C 89 22.77 18.95 -16.45
CA THR C 89 22.73 18.54 -15.05
C THR C 89 21.52 19.13 -14.33
N ILE C 90 21.09 18.45 -13.27
CA ILE C 90 19.95 18.87 -12.48
C ILE C 90 20.34 18.93 -11.01
N SER C 91 19.74 19.88 -10.29
CA SER C 91 19.92 20.00 -8.84
C SER C 91 18.76 20.81 -8.29
N ALA C 92 17.96 20.21 -7.42
CA ALA C 92 16.80 20.86 -6.85
C ALA C 92 16.66 20.50 -5.39
N ASP C 93 16.04 21.40 -4.63
CA ASP C 93 15.74 21.16 -3.22
C ASP C 93 14.32 21.64 -2.94
N THR C 94 13.72 21.04 -1.90
CA THR C 94 12.35 21.38 -1.52
C THR C 94 12.26 22.26 -0.29
N SER C 95 13.32 22.35 0.52
CA SER C 95 13.29 23.21 1.68
C SER C 95 13.20 24.69 1.28
N LYS C 96 13.97 25.09 0.26
CA LYS C 96 13.96 26.46 -0.21
C LYS C 96 13.02 26.67 -1.39
N ASN C 97 12.28 25.64 -1.80
CA ASN C 97 11.34 25.70 -2.93
C ASN C 97 12.03 26.18 -4.19
N THR C 98 13.24 25.70 -4.43
CA THR C 98 14.07 26.15 -5.54
C THR C 98 14.57 24.96 -6.34
N ALA C 99 14.55 25.09 -7.66
CA ALA C 99 15.12 24.12 -8.58
C ALA C 99 16.17 24.82 -9.43
N TYR C 100 17.41 24.35 -9.36
CA TYR C 100 18.52 24.94 -10.07
C TYR C 100 18.80 24.17 -11.36
N LEU C 101 19.11 24.90 -12.41
CA LEU C 101 19.37 24.31 -13.74
C LEU C 101 20.87 24.46 -14.03
N GLN C 102 21.63 23.42 -13.72
CA GLN C 102 23.07 23.44 -13.94
C GLN C 102 23.39 22.95 -15.35
N MET C 103 24.03 23.80 -16.14
CA MET C 103 24.39 23.45 -17.50
C MET C 103 25.74 22.74 -17.54
N ASN C 104 26.00 22.03 -18.63
CA ASN C 104 27.26 21.31 -18.80
C ASN C 104 27.51 21.12 -20.29
N SER C 105 28.62 21.68 -20.78
CA SER C 105 29.07 21.54 -22.16
C SER C 105 27.99 22.03 -23.15
N LEU C 106 27.71 23.33 -23.06
CA LEU C 106 26.72 23.93 -23.95
C LEU C 106 27.22 23.88 -25.40
N ARG C 107 26.32 23.49 -26.30
CA ARG C 107 26.63 23.39 -27.71
C ARG C 107 26.16 24.66 -28.44
N ALA C 108 26.28 24.65 -29.76
CA ALA C 108 25.85 25.81 -30.56
C ALA C 108 24.33 26.00 -30.52
N GLU C 109 23.57 24.93 -30.28
CA GLU C 109 22.11 25.02 -30.23
C GLU C 109 21.60 25.53 -28.88
N ASP C 110 22.47 25.73 -27.91
CA ASP C 110 22.06 26.20 -26.59
C ASP C 110 21.85 27.71 -26.53
N THR C 111 22.15 28.44 -27.60
CA THR C 111 21.97 29.89 -27.63
C THR C 111 20.48 30.18 -27.77
N ALA C 112 19.78 30.03 -26.66
CA ALA C 112 18.33 30.18 -26.64
C ALA C 112 17.88 30.63 -25.27
N VAL C 113 16.79 31.39 -25.24
CA VAL C 113 16.21 31.84 -23.98
C VAL C 113 15.40 30.71 -23.36
N TYR C 114 15.69 30.40 -22.11
CA TYR C 114 15.11 29.25 -21.42
C TYR C 114 14.07 29.74 -20.42
N TYR C 115 12.91 29.08 -20.39
CA TYR C 115 11.80 29.47 -19.54
C TYR C 115 11.53 28.35 -18.55
N CYS C 116 11.77 28.61 -17.26
CA CYS C 116 11.27 27.72 -16.22
C CYS C 116 9.75 27.89 -16.11
N ALA C 117 9.06 26.78 -15.89
CA ALA C 117 7.61 26.81 -15.86
C ALA C 117 7.08 25.79 -14.87
N ARG C 118 5.85 26.02 -14.43
CA ARG C 118 5.18 25.17 -13.46
C ARG C 118 3.90 24.59 -14.06
N SER C 119 3.71 23.29 -13.87
CA SER C 119 2.45 22.63 -14.15
C SER C 119 2.05 21.85 -12.92
N ARG C 120 0.75 21.64 -12.76
CA ARG C 120 0.24 20.92 -11.60
C ARG C 120 0.85 19.52 -11.56
N GLN C 121 1.64 19.24 -10.52
CA GLN C 121 2.33 17.96 -10.41
C GLN C 121 1.37 16.79 -10.24
N PHE C 122 0.10 17.07 -9.97
CA PHE C 122 -0.94 16.05 -9.94
C PHE C 122 -1.98 16.39 -10.97
N TRP C 123 -2.25 15.44 -11.87
CA TRP C 123 -3.25 15.58 -12.92
C TRP C 123 -2.90 16.78 -13.82
N TYR C 124 -1.77 16.61 -14.50
CA TYR C 124 -1.17 17.59 -15.41
C TYR C 124 -2.21 18.32 -16.24
N SER C 125 -2.15 19.65 -16.21
CA SER C 125 -3.08 20.49 -16.96
C SER C 125 -2.35 21.65 -17.62
N GLY C 126 -1.19 21.37 -18.21
CA GLY C 126 -0.44 22.40 -18.91
C GLY C 126 0.43 23.22 -18.00
N LEU C 127 1.50 23.80 -18.57
CA LEU C 127 2.43 24.63 -17.80
C LEU C 127 1.72 25.94 -17.45
N ASP C 128 1.20 26.03 -16.22
CA ASP C 128 0.32 27.13 -15.85
C ASP C 128 1.12 28.41 -15.59
N TYR C 129 2.02 28.38 -14.62
CA TYR C 129 2.73 29.58 -14.18
C TYR C 129 4.15 29.56 -14.75
N TRP C 130 4.46 30.55 -15.57
CA TRP C 130 5.75 30.64 -16.25
C TRP C 130 6.62 31.73 -15.63
N GLY C 131 7.93 31.51 -15.73
CA GLY C 131 8.90 32.52 -15.34
C GLY C 131 9.14 33.53 -16.44
N GLN C 132 9.94 34.54 -16.11
CA GLN C 132 10.20 35.62 -17.05
C GLN C 132 11.10 35.18 -18.20
N GLY C 133 11.79 34.05 -18.06
CA GLY C 133 12.64 33.56 -19.13
C GLY C 133 14.05 34.09 -19.05
N THR C 134 15.03 33.18 -18.96
CA THR C 134 16.43 33.56 -18.88
C THR C 134 17.04 33.45 -20.27
N LEU C 135 17.55 34.56 -20.79
CA LEU C 135 18.13 34.61 -22.12
C LEU C 135 19.63 34.38 -22.04
N VAL C 136 20.11 33.34 -22.72
CA VAL C 136 21.53 33.01 -22.74
C VAL C 136 21.99 32.99 -24.20
N THR C 137 23.30 33.14 -24.38
CA THR C 137 23.91 33.11 -25.69
C THR C 137 25.28 32.46 -25.59
N VAL C 138 25.63 31.65 -26.59
CA VAL C 138 26.91 30.95 -26.63
C VAL C 138 27.59 31.28 -27.95
N SER C 139 28.92 31.40 -27.90
CA SER C 139 29.71 31.72 -29.09
C SER C 139 31.13 31.20 -28.96
N SER C 156 7.51 6.97 -31.15
CA SER C 156 8.39 7.90 -31.82
C SER C 156 8.15 9.34 -31.36
N ASP C 157 8.99 10.26 -31.84
CA ASP C 157 8.85 11.66 -31.46
C ASP C 157 7.65 12.26 -32.18
N ILE C 158 6.64 12.67 -31.41
CA ILE C 158 5.43 13.25 -31.99
C ILE C 158 5.73 14.68 -32.42
N GLN C 159 5.49 14.96 -33.70
CA GLN C 159 5.80 16.25 -34.30
C GLN C 159 4.48 16.91 -34.71
N MET C 160 3.91 17.70 -33.79
CA MET C 160 2.71 18.44 -34.11
C MET C 160 3.03 19.61 -35.03
N THR C 161 2.14 19.86 -35.99
CA THR C 161 2.32 20.92 -36.97
C THR C 161 1.14 21.89 -36.89
N GLN C 162 1.43 23.18 -37.07
CA GLN C 162 0.45 24.23 -36.95
C GLN C 162 0.12 24.81 -38.32
N SER C 163 -1.14 25.22 -38.49
CA SER C 163 -1.60 25.82 -39.73
C SER C 163 -2.77 26.75 -39.42
N PRO C 164 -2.73 28.01 -39.88
CA PRO C 164 -1.67 28.63 -40.69
C PRO C 164 -0.45 29.05 -39.87
N SER C 165 0.70 29.19 -40.51
CA SER C 165 1.91 29.61 -39.81
C SER C 165 1.87 31.09 -39.43
N SER C 166 0.99 31.86 -40.05
CA SER C 166 0.85 33.28 -39.74
C SER C 166 -0.54 33.73 -40.13
N LEU C 167 -0.97 34.86 -39.56
CA LEU C 167 -2.28 35.40 -39.86
C LEU C 167 -2.28 36.90 -39.59
N SER C 168 -3.20 37.59 -40.25
CA SER C 168 -3.37 39.03 -40.08
C SER C 168 -4.86 39.34 -40.11
N ALA C 169 -5.36 39.99 -39.06
CA ALA C 169 -6.78 40.29 -38.97
C ALA C 169 -6.98 41.53 -38.12
N SER C 170 -8.17 42.11 -38.24
CA SER C 170 -8.55 43.30 -37.49
C SER C 170 -9.44 42.92 -36.32
N VAL C 171 -10.00 43.92 -35.65
CA VAL C 171 -10.84 43.68 -34.48
C VAL C 171 -12.17 43.09 -34.93
N GLY C 172 -12.56 41.98 -34.31
CA GLY C 172 -13.83 41.35 -34.59
C GLY C 172 -13.81 40.29 -35.68
N ASP C 173 -12.71 40.15 -36.41
CA ASP C 173 -12.63 39.15 -37.45
C ASP C 173 -12.51 37.75 -36.85
N ARG C 174 -13.28 36.82 -37.40
CA ARG C 174 -13.22 35.43 -36.95
C ARG C 174 -11.91 34.79 -37.40
N VAL C 175 -11.19 34.21 -36.45
CA VAL C 175 -9.88 33.62 -36.71
C VAL C 175 -9.84 32.23 -36.06
N THR C 176 -9.49 31.22 -36.85
CA THR C 176 -9.34 29.86 -36.36
C THR C 176 -7.95 29.36 -36.71
N ILE C 177 -7.25 28.82 -35.72
CA ILE C 177 -5.89 28.32 -35.88
C ILE C 177 -5.88 26.83 -35.56
N THR C 178 -5.31 26.04 -36.47
CA THR C 178 -5.36 24.59 -36.40
C THR C 178 -3.96 24.02 -36.18
N CYS C 179 -3.85 23.09 -35.24
CA CYS C 179 -2.61 22.35 -35.00
C CYS C 179 -2.86 20.88 -35.32
N ARG C 180 -2.03 20.32 -36.21
CA ARG C 180 -2.17 18.93 -36.63
C ARG C 180 -1.08 18.10 -35.98
N ALA C 181 -1.48 17.02 -35.32
CA ALA C 181 -0.55 16.11 -34.67
C ALA C 181 -0.33 14.89 -35.55
N SER C 182 0.93 14.46 -35.66
CA SER C 182 1.26 13.33 -36.51
C SER C 182 0.60 12.05 -36.01
N GLN C 183 0.59 11.85 -34.70
CA GLN C 183 -0.04 10.69 -34.09
C GLN C 183 -1.13 11.16 -33.14
N SER C 184 -2.28 10.49 -33.18
CA SER C 184 -3.45 10.96 -32.45
C SER C 184 -3.24 10.88 -30.95
N VAL C 185 -3.79 11.85 -30.23
CA VAL C 185 -3.70 11.91 -28.78
C VAL C 185 -5.11 11.97 -28.19
N SER C 186 -5.20 12.13 -26.87
CA SER C 186 -6.48 12.06 -26.17
C SER C 186 -6.94 13.43 -25.70
N SER C 187 -6.80 14.44 -26.56
CA SER C 187 -7.13 15.83 -26.23
C SER C 187 -6.26 16.36 -25.10
N ALA C 188 -5.00 15.91 -25.07
CA ALA C 188 -4.04 16.37 -24.07
C ALA C 188 -3.17 17.48 -24.67
N VAL C 189 -3.82 18.59 -25.02
CA VAL C 189 -3.16 19.75 -25.61
C VAL C 189 -3.71 21.01 -24.98
N ALA C 190 -2.83 21.90 -24.54
CA ALA C 190 -3.21 23.20 -23.99
C ALA C 190 -2.73 24.30 -24.92
N TRP C 191 -3.54 25.34 -25.08
CA TRP C 191 -3.25 26.43 -25.99
C TRP C 191 -2.74 27.65 -25.23
N TYR C 192 -1.76 28.33 -25.83
CA TYR C 192 -1.05 29.42 -25.17
C TYR C 192 -1.09 30.67 -26.05
N GLN C 193 -1.03 31.84 -25.40
CA GLN C 193 -0.98 33.13 -26.07
C GLN C 193 0.29 33.85 -25.65
N GLN C 194 1.24 33.98 -26.57
CA GLN C 194 2.51 34.64 -26.30
C GLN C 194 2.57 35.94 -27.09
N LYS C 195 2.69 37.06 -26.38
CA LYS C 195 2.90 38.34 -27.03
C LYS C 195 4.39 38.58 -27.20
N PRO C 196 4.79 39.71 -27.79
CA PRO C 196 6.22 39.91 -28.03
C PRO C 196 7.02 40.19 -26.76
N GLY C 197 7.81 39.21 -26.33
CA GLY C 197 8.71 39.41 -25.21
C GLY C 197 8.23 38.85 -23.89
N LYS C 198 6.94 38.99 -23.60
CA LYS C 198 6.43 38.60 -22.30
C LYS C 198 6.37 37.08 -22.16
N ALA C 199 6.12 36.63 -20.94
CA ALA C 199 6.06 35.20 -20.65
C ALA C 199 4.78 34.61 -21.23
N PRO C 200 4.86 33.55 -22.03
CA PRO C 200 3.63 32.94 -22.57
C PRO C 200 2.78 32.32 -21.46
N LYS C 201 1.47 32.47 -21.62
CA LYS C 201 0.51 31.98 -20.63
C LYS C 201 -0.55 31.15 -21.34
N LEU C 202 -1.05 30.13 -20.65
CA LEU C 202 -2.11 29.31 -21.23
C LEU C 202 -3.47 29.96 -21.01
N LEU C 203 -4.42 29.59 -21.85
CA LEU C 203 -5.79 30.04 -21.75
C LEU C 203 -6.77 28.89 -21.60
N ILE C 204 -6.57 27.81 -22.34
CA ILE C 204 -7.43 26.64 -22.29
C ILE C 204 -6.55 25.41 -22.18
N TYR C 205 -6.86 24.53 -21.23
CA TYR C 205 -6.11 23.30 -21.03
C TYR C 205 -6.95 22.11 -21.46
N SER C 206 -6.26 21.04 -21.87
CA SER C 206 -6.86 19.83 -22.41
C SER C 206 -7.73 20.10 -23.63
N ALA C 207 -7.51 21.24 -24.29
CA ALA C 207 -8.19 21.66 -25.52
C ALA C 207 -9.70 21.81 -25.34
N SER C 208 -10.21 21.65 -24.12
CA SER C 208 -11.64 21.76 -23.86
C SER C 208 -11.98 22.82 -22.82
N SER C 209 -11.32 22.82 -21.68
CA SER C 209 -11.73 23.63 -20.54
C SER C 209 -10.81 24.84 -20.43
N LEU C 210 -11.40 26.04 -20.47
CA LEU C 210 -10.63 27.27 -20.38
C LEU C 210 -10.20 27.54 -18.94
N TYR C 211 -9.02 28.12 -18.79
CA TYR C 211 -8.49 28.45 -17.48
C TYR C 211 -9.19 29.68 -16.91
N SER C 212 -9.18 29.79 -15.59
CA SER C 212 -9.73 30.96 -14.93
C SER C 212 -8.87 32.19 -15.21
N GLY C 213 -9.50 33.35 -15.19
CA GLY C 213 -8.82 34.60 -15.50
C GLY C 213 -8.72 34.93 -16.97
N VAL C 214 -9.24 34.07 -17.84
CA VAL C 214 -9.22 34.31 -19.29
C VAL C 214 -10.65 34.57 -19.73
N PRO C 215 -10.90 35.57 -20.57
CA PRO C 215 -12.27 35.86 -21.00
C PRO C 215 -12.89 34.69 -21.75
N SER C 216 -14.21 34.56 -21.63
CA SER C 216 -14.95 33.44 -22.19
C SER C 216 -14.95 33.43 -23.72
N ARG C 217 -14.52 34.52 -24.36
CA ARG C 217 -14.47 34.56 -25.82
C ARG C 217 -13.48 33.57 -26.41
N PHE C 218 -12.57 33.04 -25.60
CA PHE C 218 -11.62 32.03 -26.05
C PHE C 218 -12.22 30.64 -25.89
N SER C 219 -11.86 29.74 -26.80
CA SER C 219 -12.34 28.37 -26.78
C SER C 219 -11.39 27.50 -27.59
N GLY C 220 -11.71 26.21 -27.65
CA GLY C 220 -10.91 25.26 -28.41
C GLY C 220 -11.79 24.11 -28.88
N SER C 221 -11.20 23.23 -29.68
CA SER C 221 -11.93 22.10 -30.23
C SER C 221 -10.97 20.95 -30.50
N ARG C 222 -11.54 19.75 -30.57
CA ARG C 222 -10.80 18.53 -30.90
C ARG C 222 -11.42 17.88 -32.11
N SER C 223 -10.59 17.56 -33.11
CA SER C 223 -11.04 16.87 -34.32
C SER C 223 -9.99 15.84 -34.70
N GLY C 224 -10.14 14.63 -34.16
CA GLY C 224 -9.17 13.58 -34.45
C GLY C 224 -7.79 13.94 -33.96
N THR C 225 -6.82 13.85 -34.86
CA THR C 225 -5.44 14.23 -34.57
C THR C 225 -5.15 15.69 -34.90
N ASP C 226 -6.12 16.42 -35.43
CA ASP C 226 -5.97 17.84 -35.75
C ASP C 226 -6.69 18.66 -34.69
N PHE C 227 -6.00 19.68 -34.17
CA PHE C 227 -6.48 20.43 -33.03
C PHE C 227 -6.65 21.89 -33.42
N THR C 228 -7.82 22.46 -33.12
CA THR C 228 -8.14 23.82 -33.49
C THR C 228 -8.73 24.57 -32.32
N LEU C 229 -8.47 25.87 -32.28
CA LEU C 229 -9.08 26.79 -31.33
C LEU C 229 -9.62 27.99 -32.08
N THR C 230 -10.68 28.59 -31.55
CA THR C 230 -11.34 29.70 -32.20
C THR C 230 -11.34 30.93 -31.29
N ILE C 231 -11.42 32.10 -31.92
CA ILE C 231 -11.52 33.37 -31.22
C ILE C 231 -12.59 34.20 -31.90
N SER C 232 -13.45 34.83 -31.08
CA SER C 232 -14.59 35.56 -31.64
C SER C 232 -14.17 36.97 -32.09
N SER C 233 -13.70 37.78 -31.15
CA SER C 233 -13.27 39.14 -31.43
C SER C 233 -11.77 39.25 -31.17
N LEU C 234 -11.04 39.77 -32.14
CA LEU C 234 -9.59 39.92 -32.03
C LEU C 234 -9.30 41.28 -31.40
N GLN C 235 -9.32 41.32 -30.07
CA GLN C 235 -9.03 42.54 -29.34
C GLN C 235 -7.55 42.90 -29.48
N PRO C 236 -7.20 44.16 -29.20
CA PRO C 236 -5.77 44.54 -29.28
C PRO C 236 -4.87 43.74 -28.37
N GLU C 237 -5.35 43.36 -27.19
CA GLU C 237 -4.57 42.47 -26.33
C GLU C 237 -4.49 41.06 -26.90
N ASP C 238 -5.56 40.60 -27.56
CA ASP C 238 -5.59 39.26 -28.13
C ASP C 238 -4.69 39.12 -29.36
N PHE C 239 -4.24 40.22 -29.95
CA PHE C 239 -3.37 40.17 -31.13
C PHE C 239 -1.98 39.76 -30.67
N ALA C 240 -1.78 38.45 -30.57
CA ALA C 240 -0.52 37.91 -30.08
C ALA C 240 -0.28 36.53 -30.71
N THR C 241 0.97 36.10 -30.67
CA THR C 241 1.34 34.82 -31.23
C THR C 241 0.83 33.68 -30.35
N TYR C 242 0.21 32.69 -30.97
CA TYR C 242 -0.35 31.54 -30.27
C TYR C 242 0.51 30.31 -30.50
N TYR C 243 0.68 29.51 -29.46
CA TYR C 243 1.45 28.28 -29.52
C TYR C 243 0.63 27.12 -28.98
N CYS C 244 0.78 25.96 -29.60
CA CYS C 244 0.13 24.73 -29.17
C CYS C 244 1.18 23.69 -28.82
N GLN C 245 0.86 22.84 -27.85
CA GLN C 245 1.80 21.80 -27.43
C GLN C 245 1.03 20.62 -26.88
N GLN C 246 1.61 19.44 -27.04
CA GLN C 246 1.03 18.20 -26.56
C GLN C 246 1.79 17.74 -25.32
N TYR C 247 1.09 17.06 -24.41
CA TYR C 247 1.75 16.53 -23.23
C TYR C 247 1.29 15.12 -22.88
N LYS C 248 0.61 14.43 -23.80
CA LYS C 248 0.21 13.06 -23.53
C LYS C 248 1.40 12.11 -23.48
N TYR C 249 2.36 12.28 -24.38
CA TYR C 249 3.50 11.38 -24.48
C TYR C 249 4.78 12.15 -24.20
N VAL C 250 5.53 11.70 -23.21
CA VAL C 250 6.86 12.25 -22.94
C VAL C 250 7.81 11.84 -24.05
N PRO C 251 8.62 12.75 -24.61
CA PRO C 251 8.77 14.17 -24.29
C PRO C 251 7.68 15.04 -24.89
N VAL C 252 7.32 16.13 -24.22
CA VAL C 252 6.35 17.05 -24.78
C VAL C 252 7.00 17.85 -25.92
N THR C 253 6.16 18.33 -26.83
CA THR C 253 6.65 19.02 -28.02
C THR C 253 5.67 20.10 -28.42
N PHE C 254 6.19 21.30 -28.66
CA PHE C 254 5.37 22.42 -29.06
C PHE C 254 5.07 22.35 -30.57
N GLY C 255 4.17 23.23 -31.00
CA GLY C 255 3.78 23.31 -32.40
C GLY C 255 4.81 24.01 -33.25
N GLN C 256 4.33 24.69 -34.30
CA GLN C 256 5.20 25.41 -35.21
C GLN C 256 5.29 26.90 -34.89
N GLY C 257 4.27 27.46 -34.24
CA GLY C 257 4.27 28.88 -33.92
C GLY C 257 3.54 29.71 -34.97
N THR C 258 2.42 30.29 -34.58
CA THR C 258 1.59 31.08 -35.48
C THR C 258 1.57 32.53 -35.01
N LYS C 259 1.96 33.44 -35.90
CA LYS C 259 2.04 34.86 -35.58
C LYS C 259 0.79 35.57 -36.08
N VAL C 260 0.16 36.34 -35.20
CA VAL C 260 -1.05 37.10 -35.51
C VAL C 260 -0.66 38.55 -35.75
N GLU C 261 -1.03 39.07 -36.92
CA GLU C 261 -0.72 40.43 -37.32
C GLU C 261 -2.02 41.22 -37.49
N ILE C 262 -1.89 42.46 -37.97
CA ILE C 262 -3.04 43.32 -38.19
C ILE C 262 -3.44 43.31 -39.67
#